data_1E04
#
_entry.id   1E04
#
_cell.length_a   62.050
_cell.length_b   99.336
_cell.length_c   88.593
_cell.angle_alpha   90.00
_cell.angle_beta   102.29
_cell.angle_gamma   90.00
#
_symmetry.space_group_name_H-M   'P 1 21 1'
#
loop_
_entity.id
_entity.type
_entity.pdbx_description
1 polymer ANTITHROMBIN-III
2 branched 2-acetamido-2-deoxy-beta-D-glucopyranose-(1-4)-2-acetamido-2-deoxy-beta-D-glucopyranose
3 branched beta-D-mannopyranose-(1-4)-2-acetamido-2-deoxy-beta-D-glucopyranose-(1-4)-2-acetamido-2-deoxy-beta-D-glucopyranose
4 branched alpha-D-mannopyranose-(1-3)-[alpha-D-mannopyranose-(1-6)]beta-D-mannopyranose-(1-4)-2-acetamido-2-deoxy-beta-D-glucopyranose-(1-4)-2-acetamido-2-deoxy-beta-D-glucopyranose
5 non-polymer alpha-D-mannopyranose
6 non-polymer GLYCEROL
7 non-polymer 'PHOSPHATE ION'
8 water water
#
_entity_poly.entity_id   1
_entity_poly.type   'polypeptide(L)'
_entity_poly.pdbx_seq_one_letter_code
;HGSPVDICTAKPRDIPMNPMCIYRSPEKKATEDEGSEQKIPEATNRRVWELSKANSRFATTFYQHLADSKNDNDNIFLSP
LSISTAFAMTKLGACNDTLQQLMEVFKFDTISEKTSDQIHFFFAKLNCRLYRKANKSSKLVSANRLFGDKSLTFNETYQD
ISELVYGAKLQPLDFKENAEQSRAAINKWVSNKTEGRITDVIPSEAINELTVLVLVNTIYFKGLWKSKFSPENTRKELFY
KADGESCSASMMYQEGKFRYRRVAEGTQVLELPFKGDDITMVLILPKPEKSLAKVEKELTPEVLQEWLDELEEMMLVVHM
PRFRIEDGFSLKEQLQDMGLVDLFSPEKSKLPGIVAEGRDDLYVSDAFHKAFLEVNEEGSEAAASTAVVIAGRSLNPNRV
TFKANRPFLVFIREVPLNTIIFMGRVANPCVK
;
_entity_poly.pdbx_strand_id   I,L
#
loop_
_chem_comp.id
_chem_comp.type
_chem_comp.name
_chem_comp.formula
BMA D-saccharide, beta linking beta-D-mannopyranose 'C6 H12 O6'
GOL non-polymer GLYCEROL 'C3 H8 O3'
MAN D-saccharide, alpha linking alpha-D-mannopyranose 'C6 H12 O6'
NAG D-saccharide, beta linking 2-acetamido-2-deoxy-beta-D-glucopyranose 'C8 H15 N O6'
PO4 non-polymer 'PHOSPHATE ION' 'O4 P -3'
#
# COMPACT_ATOMS: atom_id res chain seq x y z
N VAL A 5 17.09 -6.06 41.40
CA VAL A 5 17.90 -5.30 40.40
C VAL A 5 17.82 -5.94 39.01
N ASP A 6 17.08 -5.34 38.08
CA ASP A 6 17.03 -5.91 36.73
C ASP A 6 18.07 -5.26 35.84
N ILE A 7 18.16 -5.68 34.59
CA ILE A 7 19.14 -5.19 33.63
C ILE A 7 19.01 -3.73 33.24
N CYS A 8 17.82 -3.15 33.29
CA CYS A 8 17.61 -1.74 32.98
C CYS A 8 17.77 -0.84 34.20
N THR A 9 17.76 -1.40 35.40
CA THR A 9 17.90 -0.67 36.65
C THR A 9 19.35 -0.67 37.16
N ALA A 10 20.06 -1.75 36.88
CA ALA A 10 21.44 -1.94 37.32
C ALA A 10 22.25 -0.65 37.25
N LYS A 11 22.89 -0.30 38.36
CA LYS A 11 23.73 0.90 38.40
C LYS A 11 25.19 0.47 38.31
N PRO A 12 26.11 1.42 38.16
CA PRO A 12 27.54 1.17 38.11
C PRO A 12 28.13 0.32 39.19
N ARG A 13 27.74 0.48 40.45
CA ARG A 13 28.18 -0.33 41.58
C ARG A 13 27.51 -1.69 41.68
N ASP A 14 26.49 -1.97 40.88
CA ASP A 14 25.86 -3.28 40.79
C ASP A 14 26.67 -4.25 39.94
N ILE A 15 27.53 -3.76 39.06
CA ILE A 15 28.49 -4.56 38.30
C ILE A 15 29.82 -4.40 39.02
N PRO A 16 30.20 -5.40 39.82
CA PRO A 16 31.27 -5.27 40.78
C PRO A 16 32.70 -5.26 40.31
N MET A 17 33.55 -4.67 41.17
CA MET A 17 34.99 -4.63 40.92
C MET A 17 35.51 -6.06 40.84
N ASN A 18 36.54 -6.31 40.04
CA ASN A 18 36.98 -7.67 39.77
C ASN A 18 37.94 -8.29 40.76
N PRO A 19 37.96 -9.63 40.75
CA PRO A 19 38.75 -10.45 41.66
C PRO A 19 40.10 -9.90 42.04
N MET A 20 41.10 -10.11 41.19
CA MET A 20 42.45 -9.60 41.38
C MET A 20 42.82 -8.84 40.10
N CYS A 21 42.10 -9.23 39.06
CA CYS A 21 42.22 -8.67 37.72
C CYS A 21 41.84 -7.21 37.67
N ARG A 46 21.96 13.77 18.43
CA ARG A 46 21.86 12.76 19.49
C ARG A 46 23.24 12.26 19.90
N ARG A 47 23.31 11.70 21.09
CA ARG A 47 24.55 11.21 21.70
C ARG A 47 24.98 9.86 21.14
N VAL A 48 26.28 9.62 20.99
CA VAL A 48 26.80 8.37 20.49
C VAL A 48 27.65 7.68 21.56
N TRP A 49 27.28 6.46 21.96
CA TRP A 49 28.00 5.76 23.00
C TRP A 49 29.44 5.38 22.63
N GLU A 50 30.24 5.22 23.68
CA GLU A 50 31.63 4.80 23.52
C GLU A 50 31.71 3.31 23.21
N LEU A 51 30.86 2.51 23.85
CA LEU A 51 30.81 1.09 23.59
C LEU A 51 30.41 0.76 22.16
N SER A 52 29.41 1.45 21.60
CA SER A 52 28.96 1.24 20.22
C SER A 52 30.05 1.52 19.20
N LYS A 53 30.88 2.53 19.40
CA LYS A 53 32.03 2.87 18.60
C LYS A 53 33.05 1.73 18.57
N ALA A 54 33.40 1.25 19.76
CA ALA A 54 34.32 0.14 19.96
C ALA A 54 33.87 -1.11 19.22
N ASN A 55 32.60 -1.49 19.38
CA ASN A 55 32.01 -2.61 18.69
C ASN A 55 32.06 -2.49 17.17
N SER A 56 31.84 -1.30 16.61
CA SER A 56 31.96 -1.06 15.18
C SER A 56 33.40 -1.15 14.70
N ARG A 57 34.39 -0.80 15.52
CA ARG A 57 35.80 -0.99 15.17
C ARG A 57 36.12 -2.48 15.07
N PHE A 58 35.62 -3.28 16.01
CA PHE A 58 35.77 -4.73 15.93
C PHE A 58 35.12 -5.24 14.64
N ALA A 59 33.84 -4.91 14.48
CA ALA A 59 33.06 -5.30 13.33
C ALA A 59 33.75 -5.07 11.99
N THR A 60 34.25 -3.87 11.68
CA THR A 60 34.91 -3.69 10.37
C THR A 60 36.26 -4.38 10.30
N THR A 61 37.02 -4.45 11.38
CA THR A 61 38.29 -5.17 11.43
C THR A 61 38.11 -6.67 11.26
N PHE A 62 37.12 -7.24 11.96
CA PHE A 62 36.81 -8.67 11.83
C PHE A 62 36.30 -8.94 10.42
N TYR A 63 35.31 -8.18 9.94
CA TYR A 63 34.76 -8.37 8.61
C TYR A 63 35.81 -8.32 7.51
N GLN A 64 36.67 -7.32 7.50
CA GLN A 64 37.70 -7.19 6.46
C GLN A 64 38.60 -8.41 6.40
N HIS A 65 39.10 -8.88 7.54
CA HIS A 65 39.91 -10.08 7.62
C HIS A 65 39.16 -11.29 7.10
N LEU A 66 37.92 -11.52 7.51
CA LEU A 66 37.13 -12.66 7.05
C LEU A 66 36.89 -12.59 5.55
N ALA A 67 36.48 -11.46 5.01
CA ALA A 67 36.23 -11.28 3.58
C ALA A 67 37.47 -11.43 2.71
N ASP A 68 38.63 -11.01 3.20
CA ASP A 68 39.90 -11.15 2.52
C ASP A 68 40.36 -12.59 2.39
N SER A 69 39.95 -13.47 3.29
CA SER A 69 40.20 -14.88 3.28
C SER A 69 39.15 -15.68 2.51
N LYS A 70 38.11 -15.03 2.00
CA LYS A 70 37.06 -15.71 1.26
C LYS A 70 37.04 -15.30 -0.21
N ASN A 71 36.59 -16.25 -1.02
CA ASN A 71 36.46 -16.02 -2.47
C ASN A 71 35.40 -14.95 -2.68
N ASP A 72 35.43 -14.24 -3.80
CA ASP A 72 34.50 -13.15 -4.07
C ASP A 72 33.12 -13.59 -4.53
N ASN A 73 32.91 -14.86 -4.84
CA ASN A 73 31.65 -15.42 -5.24
C ASN A 73 30.91 -16.10 -4.09
N ASP A 74 31.39 -15.98 -2.86
CA ASP A 74 30.74 -16.54 -1.70
C ASP A 74 30.00 -15.45 -0.92
N ASN A 75 28.85 -15.78 -0.37
CA ASN A 75 28.13 -14.82 0.47
C ASN A 75 28.72 -14.89 1.88
N ILE A 76 28.70 -13.78 2.59
CA ILE A 76 29.14 -13.70 3.98
C ILE A 76 27.95 -13.18 4.78
N PHE A 77 27.70 -13.70 5.96
CA PHE A 77 26.69 -13.19 6.86
C PHE A 77 27.06 -13.53 8.31
N LEU A 78 27.20 -12.50 9.13
CA LEU A 78 27.56 -12.72 10.53
C LEU A 78 26.95 -11.65 11.41
N SER A 79 26.97 -11.88 12.72
CA SER A 79 26.54 -10.87 13.68
C SER A 79 27.73 -10.52 14.56
N PRO A 80 28.43 -9.43 14.24
CA PRO A 80 29.54 -8.96 15.04
C PRO A 80 29.10 -8.57 16.44
N LEU A 81 27.95 -7.91 16.57
CA LEU A 81 27.38 -7.61 17.87
C LEU A 81 27.30 -8.87 18.72
N SER A 82 26.68 -9.95 18.22
CA SER A 82 26.67 -11.23 18.90
C SER A 82 28.07 -11.65 19.35
N ILE A 83 29.04 -11.72 18.44
CA ILE A 83 30.41 -12.07 18.78
C ILE A 83 30.99 -11.17 19.86
N SER A 84 30.91 -9.85 19.75
CA SER A 84 31.39 -8.93 20.77
C SER A 84 30.77 -9.20 22.13
N THR A 85 29.45 -9.32 22.19
CA THR A 85 28.71 -9.63 23.39
C THR A 85 29.19 -10.90 24.06
N ALA A 86 29.25 -12.02 23.32
CA ALA A 86 29.74 -13.28 23.86
C ALA A 86 31.11 -13.18 24.51
N PHE A 87 32.06 -12.51 23.87
CA PHE A 87 33.41 -12.36 24.39
C PHE A 87 33.54 -11.37 25.52
N ALA A 88 32.65 -10.38 25.64
CA ALA A 88 32.62 -9.46 26.77
C ALA A 88 32.18 -10.20 28.03
N MET A 89 31.11 -10.99 27.86
CA MET A 89 30.59 -11.91 28.85
C MET A 89 31.66 -12.85 29.37
N THR A 90 32.37 -13.52 28.47
CA THR A 90 33.48 -14.41 28.78
C THR A 90 34.63 -13.75 29.51
N LYS A 91 34.96 -12.48 29.33
CA LYS A 91 36.05 -11.81 30.03
C LYS A 91 35.79 -11.48 31.49
N LEU A 92 34.59 -11.67 32.01
CA LEU A 92 34.25 -11.58 33.41
C LEU A 92 35.09 -12.55 34.24
N GLY A 93 35.24 -13.78 33.76
CA GLY A 93 36.08 -14.78 34.36
C GLY A 93 37.50 -14.82 33.81
N ALA A 94 37.92 -13.89 32.97
CA ALA A 94 39.27 -13.86 32.42
C ALA A 94 40.19 -12.94 33.22
N CYS A 95 41.50 -13.05 32.95
CA CYS A 95 42.49 -12.29 33.71
C CYS A 95 43.84 -12.20 33.01
N ASN A 96 44.66 -11.28 33.49
CA ASN A 96 46.01 -11.05 33.00
C ASN A 96 46.08 -10.88 31.50
N ASP A 97 46.93 -11.65 30.83
CA ASP A 97 47.12 -11.59 29.38
C ASP A 97 45.89 -12.03 28.61
N THR A 98 45.18 -13.01 29.12
CA THR A 98 43.88 -13.42 28.60
C THR A 98 42.92 -12.24 28.56
N LEU A 99 42.75 -11.51 29.65
CA LEU A 99 41.92 -10.31 29.66
C LEU A 99 42.52 -9.22 28.78
N GLN A 100 43.82 -8.96 28.85
CA GLN A 100 44.47 -7.97 28.00
C GLN A 100 44.23 -8.23 26.52
N GLN A 101 44.44 -9.46 26.06
CA GLN A 101 44.19 -9.86 24.69
C GLN A 101 42.73 -9.67 24.28
N LEU A 102 41.81 -10.08 25.14
CA LEU A 102 40.38 -9.89 24.93
C LEU A 102 40.07 -8.42 24.69
N MET A 103 40.42 -7.55 25.63
CA MET A 103 40.24 -6.12 25.57
C MET A 103 40.79 -5.47 24.31
N GLU A 104 41.98 -5.84 23.87
CA GLU A 104 42.60 -5.34 22.67
C GLU A 104 41.90 -5.78 21.39
N VAL A 105 41.72 -7.08 21.20
CA VAL A 105 41.12 -7.65 20.00
C VAL A 105 39.72 -7.18 19.68
N PHE A 106 38.88 -6.97 20.68
CA PHE A 106 37.51 -6.51 20.51
C PHE A 106 37.36 -5.00 20.61
N LYS A 107 38.48 -4.29 20.64
CA LYS A 107 38.69 -2.87 20.66
C LYS A 107 38.09 -2.16 21.87
N PHE A 108 37.99 -2.83 23.01
CA PHE A 108 37.44 -2.32 24.25
C PHE A 108 38.40 -1.39 24.97
N ASP A 109 39.69 -1.58 24.70
CA ASP A 109 40.79 -0.76 25.15
C ASP A 109 40.75 0.63 24.52
N THR A 110 40.24 0.75 23.30
CA THR A 110 40.02 2.03 22.65
C THR A 110 39.05 2.90 23.44
N ILE A 111 38.01 2.39 24.10
CA ILE A 111 37.19 3.20 24.99
C ILE A 111 38.12 3.95 25.96
N SER A 112 38.19 5.27 25.81
CA SER A 112 39.09 6.13 26.52
C SER A 112 39.37 5.77 27.97
N GLU A 113 38.45 6.10 28.88
CA GLU A 113 38.70 5.88 30.31
C GLU A 113 38.78 4.39 30.62
N LYS A 114 39.99 3.96 30.94
CA LYS A 114 40.46 2.63 31.14
C LYS A 114 39.50 1.60 31.68
N THR A 115 39.07 1.67 32.92
CA THR A 115 38.23 0.68 33.57
C THR A 115 37.56 -0.32 32.63
N SER A 116 37.93 -1.58 32.83
CA SER A 116 37.43 -2.73 32.09
C SER A 116 36.21 -3.37 32.75
N ASP A 117 35.82 -2.84 33.89
CA ASP A 117 34.68 -3.22 34.69
C ASP A 117 33.47 -2.36 34.31
N GLN A 118 33.73 -1.26 33.60
CA GLN A 118 32.71 -0.38 33.08
C GLN A 118 32.17 -0.84 31.74
N ILE A 119 32.79 -1.79 31.05
CA ILE A 119 32.29 -2.36 29.81
C ILE A 119 31.07 -3.23 30.01
N HIS A 120 31.03 -3.95 31.13
CA HIS A 120 29.87 -4.75 31.51
C HIS A 120 28.70 -3.83 31.84
N PHE A 121 28.98 -2.71 32.50
CA PHE A 121 27.98 -1.69 32.73
C PHE A 121 27.45 -1.15 31.41
N PHE A 122 28.33 -0.75 30.49
CA PHE A 122 27.88 -0.29 29.16
C PHE A 122 27.03 -1.34 28.46
N PHE A 123 27.44 -2.61 28.41
CA PHE A 123 26.63 -3.67 27.82
C PHE A 123 25.29 -3.86 28.52
N ALA A 124 25.18 -3.72 29.84
CA ALA A 124 23.88 -3.75 30.51
C ALA A 124 22.93 -2.74 29.88
N LYS A 125 23.37 -1.48 29.79
CA LYS A 125 22.63 -0.44 29.10
C LYS A 125 22.33 -0.77 27.65
N LEU A 126 23.26 -1.32 26.88
CA LEU A 126 23.02 -1.67 25.49
C LEU A 126 22.10 -2.88 25.33
N ASN A 127 22.20 -3.87 26.20
CA ASN A 127 21.38 -5.07 26.14
C ASN A 127 19.95 -4.81 26.60
N CYS A 128 19.77 -3.89 27.55
CA CYS A 128 18.45 -3.49 28.00
C CYS A 128 17.63 -2.90 26.85
N ARG A 129 18.22 -1.96 26.10
CA ARG A 129 17.53 -1.34 24.98
C ARG A 129 17.47 -2.25 23.75
N LEU A 130 18.49 -3.05 23.47
CA LEU A 130 18.50 -3.94 22.32
C LEU A 130 17.39 -4.99 22.42
N TYR A 131 17.39 -5.72 23.54
CA TYR A 131 16.46 -6.82 23.77
C TYR A 131 15.33 -6.40 24.70
N ARG A 132 14.47 -5.51 24.20
CA ARG A 132 13.30 -5.06 24.93
C ARG A 132 12.18 -6.07 24.74
N LYS A 133 11.00 -5.70 25.20
CA LYS A 133 9.81 -6.53 25.05
C LYS A 133 8.62 -5.59 24.81
N ALA A 134 9.04 -4.46 24.24
CA ALA A 134 8.07 -3.52 23.71
C ALA A 134 7.46 -4.24 22.51
N ASN A 135 6.34 -3.72 22.05
CA ASN A 135 5.65 -4.15 20.84
C ASN A 135 6.43 -3.80 19.58
N LYS A 136 7.54 -3.11 19.64
CA LYS A 136 8.51 -2.87 18.60
C LYS A 136 8.34 -3.97 17.55
N SER A 137 7.91 -3.54 16.37
CA SER A 137 7.61 -4.43 15.27
C SER A 137 8.60 -5.55 15.06
N SER A 138 9.90 -5.28 14.99
CA SER A 138 10.92 -6.29 14.85
C SER A 138 11.15 -7.08 16.14
N LYS A 139 11.59 -8.32 15.98
CA LYS A 139 11.95 -9.19 17.10
C LYS A 139 13.46 -9.44 17.03
N LEU A 140 14.15 -9.26 18.14
CA LEU A 140 15.58 -9.51 18.22
C LEU A 140 15.87 -10.43 19.41
N VAL A 141 16.24 -11.67 19.12
CA VAL A 141 16.50 -12.66 20.15
C VAL A 141 18.00 -12.92 20.31
N SER A 142 18.44 -12.94 21.56
CA SER A 142 19.80 -13.21 21.94
C SER A 142 19.97 -14.61 22.53
N ALA A 143 20.93 -15.32 21.97
CA ALA A 143 21.39 -16.61 22.42
C ALA A 143 22.90 -16.48 22.69
N ASN A 144 23.23 -16.48 23.96
CA ASN A 144 24.60 -16.26 24.42
C ASN A 144 24.88 -17.22 25.57
N ARG A 145 25.68 -18.26 25.32
CA ARG A 145 25.92 -19.25 26.36
C ARG A 145 27.31 -19.87 26.35
N LEU A 146 27.88 -19.98 27.55
CA LEU A 146 29.14 -20.65 27.80
C LEU A 146 28.84 -22.02 28.42
N PHE A 147 29.23 -23.08 27.73
CA PHE A 147 29.02 -24.44 28.17
C PHE A 147 30.28 -25.03 28.79
N GLY A 148 30.21 -25.51 30.02
CA GLY A 148 31.39 -26.11 30.65
C GLY A 148 31.09 -27.54 31.09
N ASP A 149 32.12 -28.40 31.13
CA ASP A 149 31.89 -29.77 31.60
C ASP A 149 31.44 -29.69 33.06
N LYS A 150 30.64 -30.65 33.50
CA LYS A 150 30.13 -30.74 34.86
C LYS A 150 31.17 -30.70 35.96
N SER A 151 32.41 -31.13 35.78
CA SER A 151 33.50 -31.01 36.71
C SER A 151 33.94 -29.59 37.00
N LEU A 152 33.66 -28.60 36.16
CA LEU A 152 34.01 -27.21 36.43
C LEU A 152 32.93 -26.49 37.25
N THR A 153 33.37 -25.59 38.11
CA THR A 153 32.51 -24.74 38.91
C THR A 153 32.73 -23.28 38.47
N PHE A 154 31.64 -22.59 38.17
CA PHE A 154 31.80 -21.18 37.77
C PHE A 154 31.69 -20.28 39.00
N ASN A 155 32.59 -19.30 39.11
CA ASN A 155 32.57 -18.38 40.25
C ASN A 155 31.17 -17.78 40.36
N GLU A 156 30.74 -17.50 41.59
CA GLU A 156 29.42 -16.94 41.84
C GLU A 156 29.25 -15.54 41.26
N THR A 157 30.27 -14.69 41.32
CA THR A 157 30.21 -13.36 40.71
C THR A 157 30.10 -13.43 39.20
N TYR A 158 30.83 -14.34 38.57
CA TYR A 158 30.79 -14.60 37.14
C TYR A 158 29.41 -15.03 36.68
N GLN A 159 28.80 -15.99 37.39
CA GLN A 159 27.45 -16.43 37.14
C GLN A 159 26.44 -15.29 37.30
N ASP A 160 26.54 -14.56 38.41
CA ASP A 160 25.65 -13.46 38.71
C ASP A 160 25.69 -12.37 37.64
N ILE A 161 26.87 -11.87 37.27
CA ILE A 161 26.97 -10.80 36.27
C ILE A 161 26.68 -11.28 34.86
N SER A 162 27.00 -12.52 34.51
CA SER A 162 26.65 -13.07 33.20
C SER A 162 25.13 -13.10 33.02
N GLU A 163 24.42 -13.57 34.03
CA GLU A 163 22.98 -13.58 34.05
C GLU A 163 22.39 -12.18 34.00
N LEU A 164 22.76 -11.30 34.92
CA LEU A 164 22.21 -9.96 34.98
C LEU A 164 22.39 -9.17 33.69
N VAL A 165 23.64 -9.01 33.27
CA VAL A 165 24.01 -8.17 32.16
C VAL A 165 23.79 -8.79 30.79
N TYR A 166 24.21 -10.03 30.61
CA TYR A 166 24.15 -10.69 29.32
C TYR A 166 23.00 -11.64 29.14
N GLY A 167 22.26 -11.96 30.21
CA GLY A 167 21.19 -12.95 30.16
C GLY A 167 21.74 -14.32 29.74
N ALA A 168 22.92 -14.66 30.24
CA ALA A 168 23.66 -15.83 29.85
C ALA A 168 23.86 -16.79 31.02
N LYS A 169 23.54 -18.04 30.76
CA LYS A 169 23.70 -19.11 31.73
C LYS A 169 25.04 -19.79 31.50
N LEU A 170 25.79 -20.00 32.57
CA LEU A 170 27.04 -20.79 32.48
C LEU A 170 26.59 -22.22 32.75
N GLN A 171 26.31 -22.97 31.69
CA GLN A 171 25.70 -24.27 31.70
C GLN A 171 26.58 -25.50 31.79
N PRO A 172 26.46 -26.24 32.89
CA PRO A 172 27.13 -27.51 33.08
C PRO A 172 26.56 -28.57 32.14
N LEU A 173 27.41 -29.30 31.44
CA LEU A 173 27.00 -30.37 30.55
C LEU A 173 27.96 -31.56 30.76
N ASP A 174 27.47 -32.78 30.64
CA ASP A 174 28.35 -33.94 30.77
C ASP A 174 29.16 -34.11 29.49
N PHE A 175 30.35 -33.52 29.39
CA PHE A 175 31.14 -33.63 28.17
C PHE A 175 31.99 -34.90 28.17
N LYS A 176 32.45 -35.30 29.35
CA LYS A 176 33.30 -36.45 29.54
C LYS A 176 32.68 -37.78 29.14
N GLU A 177 31.44 -38.02 29.52
CA GLU A 177 30.80 -39.30 29.21
C GLU A 177 29.58 -39.20 28.34
N ASN A 178 29.17 -38.02 27.90
CA ASN A 178 28.01 -37.90 27.02
C ASN A 178 28.20 -36.83 25.96
N ALA A 179 29.41 -36.70 25.44
CA ALA A 179 29.80 -35.76 24.42
C ALA A 179 28.73 -35.42 23.40
N GLU A 180 28.32 -36.41 22.62
CA GLU A 180 27.32 -36.24 21.58
C GLU A 180 25.95 -35.85 22.08
N GLN A 181 25.50 -36.36 23.22
CA GLN A 181 24.24 -35.94 23.85
C GLN A 181 24.25 -34.44 24.16
N SER A 182 25.36 -33.92 24.67
CA SER A 182 25.58 -32.52 24.89
C SER A 182 25.55 -31.70 23.61
N ARG A 183 26.22 -32.16 22.56
CA ARG A 183 26.22 -31.47 21.27
C ARG A 183 24.83 -31.35 20.68
N ALA A 184 24.06 -32.43 20.69
CA ALA A 184 22.66 -32.43 20.29
C ALA A 184 21.82 -31.50 21.16
N ALA A 185 22.04 -31.51 22.47
CA ALA A 185 21.38 -30.58 23.38
C ALA A 185 21.72 -29.14 23.02
N ILE A 186 23.01 -28.82 22.85
CA ILE A 186 23.42 -27.49 22.44
C ILE A 186 22.74 -27.07 21.15
N ASN A 187 22.83 -27.87 20.09
CA ASN A 187 22.17 -27.59 18.82
C ASN A 187 20.66 -27.48 18.99
N LYS A 188 20.00 -28.33 19.76
CA LYS A 188 18.59 -28.20 20.07
C LYS A 188 18.25 -26.86 20.71
N TRP A 189 18.99 -26.41 21.70
CA TRP A 189 18.74 -25.14 22.38
C TRP A 189 18.82 -23.94 21.46
N VAL A 190 19.86 -23.82 20.63
CA VAL A 190 19.97 -22.72 19.68
C VAL A 190 18.86 -22.78 18.64
N SER A 191 18.48 -23.98 18.21
CA SER A 191 17.32 -24.21 17.38
C SER A 191 16.05 -23.65 17.98
N ASN A 192 15.74 -23.85 19.26
CA ASN A 192 14.57 -23.27 19.92
C ASN A 192 14.64 -21.74 19.95
N LYS A 193 15.81 -21.15 20.13
CA LYS A 193 16.02 -19.73 20.14
C LYS A 193 16.01 -19.06 18.78
N THR A 194 16.19 -19.81 17.69
CA THR A 194 16.17 -19.26 16.34
C THR A 194 14.91 -19.67 15.60
N GLU A 195 13.95 -20.27 16.31
CA GLU A 195 12.71 -20.75 15.75
C GLU A 195 12.93 -21.78 14.65
N GLY A 196 13.87 -22.71 14.86
CA GLY A 196 14.26 -23.72 13.94
C GLY A 196 14.95 -23.29 12.66
N ARG A 197 15.62 -22.14 12.62
CA ARG A 197 16.30 -21.72 11.39
C ARG A 197 17.77 -22.10 11.45
N ILE A 198 18.31 -22.12 12.67
CA ILE A 198 19.69 -22.55 12.91
C ILE A 198 19.65 -23.86 13.70
N THR A 199 20.02 -24.97 13.07
CA THR A 199 19.92 -26.28 13.69
C THR A 199 21.23 -26.92 14.10
N ASP A 200 22.34 -26.45 13.55
CA ASP A 200 23.64 -27.04 13.82
C ASP A 200 24.70 -26.00 14.14
N VAL A 201 24.57 -25.25 15.25
CA VAL A 201 25.62 -24.30 15.60
C VAL A 201 26.96 -25.05 15.70
N ILE A 202 27.01 -26.07 16.55
CA ILE A 202 28.16 -26.93 16.63
C ILE A 202 28.12 -27.95 15.47
N PRO A 203 29.13 -27.93 14.62
CA PRO A 203 29.24 -28.89 13.53
C PRO A 203 29.49 -30.28 14.06
N SER A 204 29.14 -31.32 13.31
CA SER A 204 29.28 -32.69 13.79
C SER A 204 30.69 -33.02 14.28
N GLU A 205 30.75 -33.70 15.41
CA GLU A 205 31.96 -34.12 16.08
C GLU A 205 33.00 -32.99 16.19
N ALA A 206 32.67 -32.00 16.98
CA ALA A 206 33.55 -30.87 17.26
C ALA A 206 33.65 -30.76 18.79
N ILE A 207 32.87 -31.61 19.43
CA ILE A 207 32.78 -31.74 20.88
C ILE A 207 33.06 -33.21 21.22
N ASN A 208 33.92 -33.45 22.20
CA ASN A 208 34.26 -34.82 22.60
C ASN A 208 34.41 -34.94 24.11
N GLU A 209 35.20 -35.89 24.60
CA GLU A 209 35.40 -36.12 26.02
C GLU A 209 36.42 -35.17 26.63
N LEU A 210 37.28 -34.61 25.80
CA LEU A 210 38.30 -33.67 26.15
C LEU A 210 37.85 -32.21 26.04
N THR A 211 36.68 -31.97 25.48
CA THR A 211 36.11 -30.62 25.41
C THR A 211 35.84 -30.12 26.83
N VAL A 212 36.31 -28.93 27.16
CA VAL A 212 36.16 -28.39 28.51
C VAL A 212 35.17 -27.24 28.55
N LEU A 213 35.43 -26.21 27.75
CA LEU A 213 34.60 -25.02 27.66
C LEU A 213 34.24 -24.70 26.21
N VAL A 214 32.97 -24.53 25.92
CA VAL A 214 32.50 -24.14 24.58
C VAL A 214 31.62 -22.88 24.72
N LEU A 215 31.94 -21.87 23.92
CA LEU A 215 31.15 -20.64 23.87
C LEU A 215 30.30 -20.65 22.62
N VAL A 216 28.98 -20.50 22.74
CA VAL A 216 28.05 -20.51 21.63
C VAL A 216 27.24 -19.21 21.64
N ASN A 217 27.12 -18.55 20.49
CA ASN A 217 26.36 -17.30 20.44
C ASN A 217 25.73 -17.03 19.08
N THR A 218 24.48 -16.57 19.06
CA THR A 218 23.74 -16.18 17.88
C THR A 218 22.83 -14.98 18.23
N ILE A 219 22.35 -14.29 17.21
CA ILE A 219 21.34 -13.25 17.32
C ILE A 219 20.30 -13.58 16.23
N TYR A 220 19.01 -13.57 16.55
CA TYR A 220 17.97 -13.90 15.60
C TYR A 220 17.07 -12.69 15.35
N PHE A 221 16.84 -12.35 14.09
CA PHE A 221 16.05 -11.16 13.80
C PHE A 221 14.93 -11.37 12.80
N LYS A 222 13.73 -10.96 13.22
CA LYS A 222 12.57 -10.95 12.32
C LYS A 222 12.02 -9.51 12.29
N GLY A 223 11.56 -9.09 11.12
CA GLY A 223 10.99 -7.74 11.01
C GLY A 223 10.30 -7.58 9.66
N LEU A 224 9.28 -6.74 9.60
CA LEU A 224 8.60 -6.47 8.34
C LEU A 224 9.21 -5.19 7.74
N TRP A 225 9.23 -5.07 6.42
CA TRP A 225 9.76 -3.83 5.84
C TRP A 225 8.77 -2.72 6.21
N LYS A 226 9.27 -1.49 6.31
CA LYS A 226 8.40 -0.34 6.52
C LYS A 226 7.58 -0.10 5.25
N SER A 227 8.24 -0.22 4.12
CA SER A 227 7.64 -0.11 2.80
C SER A 227 7.87 -1.41 2.04
N LYS A 228 6.91 -2.33 2.15
CA LYS A 228 7.02 -3.65 1.56
C LYS A 228 6.97 -3.64 0.04
N PHE A 229 7.63 -4.64 -0.55
CA PHE A 229 7.56 -4.87 -1.99
C PHE A 229 6.34 -5.79 -2.21
N SER A 230 5.86 -5.86 -3.43
CA SER A 230 4.78 -6.81 -3.74
C SER A 230 5.36 -7.92 -4.60
N PRO A 231 5.03 -9.19 -4.30
CA PRO A 231 5.50 -10.34 -5.03
C PRO A 231 5.12 -10.39 -6.50
N GLU A 232 4.02 -9.77 -6.90
CA GLU A 232 3.58 -9.64 -8.27
C GLU A 232 4.48 -8.78 -9.14
N ASN A 233 5.31 -7.91 -8.60
CA ASN A 233 6.28 -7.13 -9.35
C ASN A 233 7.68 -7.73 -9.28
N THR A 234 7.82 -8.89 -8.68
CA THR A 234 9.08 -9.64 -8.67
C THR A 234 9.20 -10.41 -9.98
N ARG A 235 10.39 -10.49 -10.55
CA ARG A 235 10.56 -11.20 -11.82
C ARG A 235 11.99 -11.67 -12.01
N LYS A 236 12.16 -12.84 -12.64
CA LYS A 236 13.49 -13.39 -12.89
C LYS A 236 14.33 -12.41 -13.69
N GLU A 237 15.50 -12.09 -13.19
CA GLU A 237 16.43 -11.15 -13.81
C GLU A 237 17.87 -11.61 -13.59
N LEU A 238 18.79 -11.18 -14.44
CA LEU A 238 20.17 -11.61 -14.33
C LEU A 238 20.93 -10.91 -13.20
N PHE A 239 21.78 -11.68 -12.55
CA PHE A 239 22.70 -11.18 -11.52
C PHE A 239 24.11 -11.39 -12.06
N TYR A 240 25.00 -10.43 -11.90
CA TYR A 240 26.35 -10.55 -12.43
C TYR A 240 27.37 -10.86 -11.35
N LYS A 241 27.77 -12.12 -11.27
CA LYS A 241 28.74 -12.57 -10.29
C LYS A 241 30.11 -11.95 -10.52
N ALA A 242 31.02 -12.10 -9.56
CA ALA A 242 32.38 -11.63 -9.60
C ALA A 242 33.29 -12.41 -10.53
N ASP A 243 32.91 -13.62 -10.93
CA ASP A 243 33.63 -14.46 -11.85
C ASP A 243 33.47 -14.06 -13.31
N GLY A 244 32.51 -13.22 -13.64
CA GLY A 244 32.29 -12.73 -14.98
C GLY A 244 30.98 -13.26 -15.55
N GLU A 245 30.50 -14.36 -14.98
CA GLU A 245 29.27 -14.99 -15.43
C GLU A 245 28.04 -14.31 -14.85
N SER A 246 26.90 -14.92 -15.12
CA SER A 246 25.61 -14.46 -14.63
C SER A 246 24.74 -15.66 -14.22
N CYS A 247 23.70 -15.36 -13.47
CA CYS A 247 22.74 -16.36 -13.03
C CYS A 247 21.37 -15.72 -12.90
N SER A 248 20.35 -16.52 -12.64
CA SER A 248 18.98 -15.99 -12.53
C SER A 248 18.55 -15.79 -11.09
N ALA A 249 18.25 -14.54 -10.75
CA ALA A 249 17.79 -14.18 -9.41
C ALA A 249 16.35 -13.67 -9.45
N SER A 250 15.68 -13.75 -8.31
CA SER A 250 14.35 -13.20 -8.16
C SER A 250 14.46 -11.72 -7.75
N MET A 251 14.44 -10.85 -8.75
CA MET A 251 14.58 -9.41 -8.53
C MET A 251 13.25 -8.78 -8.10
N MET A 252 13.25 -8.19 -6.91
CA MET A 252 12.07 -7.49 -6.41
C MET A 252 12.14 -6.04 -6.92
N TYR A 253 11.00 -5.37 -6.94
CA TYR A 253 10.95 -4.03 -7.51
C TYR A 253 9.83 -3.20 -6.90
N GLN A 254 10.15 -1.98 -6.53
CA GLN A 254 9.21 -1.03 -5.96
C GLN A 254 9.77 0.38 -6.17
N GLU A 255 8.94 1.38 -6.03
CA GLU A 255 9.35 2.79 -6.13
C GLU A 255 8.83 3.52 -4.89
N GLY A 256 9.63 4.36 -4.28
CA GLY A 256 9.20 5.05 -3.06
C GLY A 256 10.25 6.00 -2.51
N LYS A 257 9.96 6.58 -1.36
CA LYS A 257 10.83 7.56 -0.71
C LYS A 257 11.80 6.92 0.26
N PHE A 258 13.08 6.82 -0.10
CA PHE A 258 14.11 6.17 0.69
C PHE A 258 15.34 7.05 0.89
N ARG A 259 15.98 7.00 2.05
CA ARG A 259 17.24 7.73 2.25
C ARG A 259 18.31 7.14 1.37
N TYR A 260 18.98 7.97 0.58
CA TYR A 260 19.96 7.56 -0.43
C TYR A 260 21.04 8.60 -0.67
N ARG A 261 22.18 8.17 -1.20
CA ARG A 261 23.25 9.00 -1.68
C ARG A 261 24.25 8.19 -2.50
N ARG A 262 24.63 8.73 -3.66
CA ARG A 262 25.72 8.15 -4.44
C ARG A 262 26.99 8.84 -3.92
N VAL A 263 27.90 8.05 -3.37
CA VAL A 263 29.09 8.59 -2.72
C VAL A 263 30.35 8.37 -3.54
N ALA A 264 31.51 8.43 -2.91
CA ALA A 264 32.81 8.32 -3.54
C ALA A 264 33.00 7.16 -4.49
N GLU A 265 33.44 7.44 -5.70
CA GLU A 265 33.73 6.52 -6.78
C GLU A 265 32.53 5.72 -7.27
N GLY A 266 31.36 6.34 -7.32
CA GLY A 266 30.15 5.76 -7.82
C GLY A 266 29.42 4.76 -6.96
N THR A 267 29.68 4.74 -5.65
CA THR A 267 29.03 3.79 -4.75
C THR A 267 27.65 4.28 -4.33
N GLN A 268 26.65 3.42 -4.49
CA GLN A 268 25.28 3.74 -4.13
C GLN A 268 24.94 3.20 -2.75
N VAL A 269 24.57 4.07 -1.82
CA VAL A 269 24.18 3.72 -0.47
C VAL A 269 22.66 3.89 -0.31
N LEU A 270 21.98 2.85 0.16
CA LEU A 270 20.53 2.85 0.29
C LEU A 270 20.05 2.31 1.63
N GLU A 271 19.24 3.06 2.36
CA GLU A 271 18.69 2.60 3.63
C GLU A 271 17.22 2.21 3.48
N LEU A 272 16.92 0.95 3.74
CA LEU A 272 15.55 0.43 3.74
C LEU A 272 15.18 0.07 5.17
N PRO A 273 14.40 0.92 5.83
CA PRO A 273 14.05 0.72 7.21
C PRO A 273 13.00 -0.34 7.45
N PHE A 274 13.01 -0.91 8.65
CA PHE A 274 11.99 -1.87 9.06
C PHE A 274 10.90 -1.12 9.82
N LYS A 275 9.74 -1.74 9.98
CA LYS A 275 8.63 -1.11 10.70
C LYS A 275 9.06 -0.75 12.11
N GLY A 276 8.91 0.51 12.49
CA GLY A 276 9.32 0.97 13.82
C GLY A 276 10.39 2.04 13.67
N ASP A 277 11.22 1.89 12.65
CA ASP A 277 12.31 2.75 12.26
C ASP A 277 13.58 2.65 13.10
N ASP A 278 13.65 1.78 14.10
CA ASP A 278 14.79 1.66 14.99
C ASP A 278 15.83 0.69 14.43
N ILE A 279 15.41 -0.20 13.56
CA ILE A 279 16.26 -1.18 12.90
C ILE A 279 16.09 -0.99 11.38
N THR A 280 17.18 -0.71 10.66
CA THR A 280 17.14 -0.48 9.23
C THR A 280 18.14 -1.40 8.49
N MET A 281 18.00 -1.50 7.17
CA MET A 281 18.93 -2.26 6.35
C MET A 281 19.65 -1.30 5.40
N VAL A 282 20.96 -1.23 5.49
CA VAL A 282 21.77 -0.39 4.64
C VAL A 282 22.48 -1.24 3.59
N LEU A 283 22.30 -0.91 2.32
CA LEU A 283 22.95 -1.61 1.23
C LEU A 283 24.06 -0.74 0.62
N ILE A 284 25.20 -1.34 0.37
CA ILE A 284 26.33 -0.64 -0.26
C ILE A 284 26.59 -1.32 -1.61
N LEU A 285 26.18 -0.66 -2.69
CA LEU A 285 26.31 -1.20 -4.04
C LEU A 285 27.28 -0.37 -4.87
N PRO A 286 28.44 -0.94 -5.19
CA PRO A 286 29.45 -0.25 -5.97
C PRO A 286 29.11 -0.16 -7.43
N LYS A 287 29.65 0.82 -8.15
CA LYS A 287 29.38 0.92 -9.59
C LYS A 287 29.85 -0.36 -10.26
N PRO A 288 29.40 -0.63 -11.48
CA PRO A 288 29.77 -1.83 -12.22
C PRO A 288 31.26 -2.03 -12.33
N GLU A 289 31.99 -1.00 -12.70
CA GLU A 289 33.41 -0.90 -12.84
C GLU A 289 34.19 -1.22 -11.58
N LYS A 290 33.83 -0.64 -10.43
CA LYS A 290 34.59 -0.89 -9.21
C LYS A 290 34.20 -2.22 -8.57
N SER A 291 35.21 -2.91 -8.04
CA SER A 291 34.99 -4.21 -7.41
C SER A 291 34.51 -4.08 -5.97
N LEU A 292 33.77 -5.10 -5.52
CA LEU A 292 33.30 -5.12 -4.14
C LEU A 292 34.44 -5.41 -3.18
N ALA A 293 35.46 -6.17 -3.57
CA ALA A 293 36.66 -6.37 -2.79
C ALA A 293 37.37 -5.06 -2.48
N LYS A 294 37.44 -4.13 -3.43
CA LYS A 294 37.99 -2.81 -3.22
C LYS A 294 37.18 -2.02 -2.19
N VAL A 295 35.86 -2.09 -2.23
CA VAL A 295 35.02 -1.41 -1.24
C VAL A 295 35.21 -2.04 0.13
N GLU A 296 35.25 -3.37 0.25
CA GLU A 296 35.54 -4.08 1.49
C GLU A 296 36.85 -3.66 2.14
N LYS A 297 37.93 -3.45 1.37
CA LYS A 297 39.20 -2.97 1.89
C LYS A 297 39.15 -1.52 2.35
N GLU A 298 38.39 -0.64 1.73
CA GLU A 298 38.28 0.75 2.14
C GLU A 298 37.41 0.95 3.38
N LEU A 299 36.54 0.00 3.70
CA LEU A 299 35.65 0.00 4.83
C LEU A 299 36.28 0.28 6.18
N THR A 300 35.79 1.36 6.78
CA THR A 300 36.07 1.87 8.09
C THR A 300 34.75 2.31 8.73
N PRO A 301 34.68 2.37 10.05
CA PRO A 301 33.53 2.92 10.74
C PRO A 301 33.27 4.38 10.40
N GLU A 302 34.28 5.24 10.31
CA GLU A 302 34.13 6.66 10.03
C GLU A 302 33.79 6.91 8.56
N VAL A 303 34.20 6.06 7.63
CA VAL A 303 33.80 6.20 6.24
C VAL A 303 32.31 5.86 6.09
N LEU A 304 31.85 4.84 6.79
CA LEU A 304 30.46 4.45 6.86
C LEU A 304 29.57 5.53 7.50
N GLN A 305 30.03 6.12 8.59
CA GLN A 305 29.31 7.17 9.29
C GLN A 305 29.20 8.45 8.47
N GLU A 306 30.20 8.80 7.66
CA GLU A 306 30.09 9.93 6.75
C GLU A 306 29.07 9.65 5.64
N TRP A 307 28.99 8.42 5.16
CA TRP A 307 28.03 8.01 4.14
C TRP A 307 26.58 8.14 4.61
N LEU A 308 26.30 7.76 5.85
CA LEU A 308 24.99 7.89 6.47
C LEU A 308 24.57 9.35 6.65
N ASP A 309 25.53 10.21 6.99
CA ASP A 309 25.32 11.63 7.11
C ASP A 309 25.00 12.32 5.78
N GLU A 310 25.36 11.77 4.63
CA GLU A 310 25.02 12.28 3.33
C GLU A 310 23.65 11.83 2.83
N LEU A 311 23.06 10.79 3.41
CA LEU A 311 21.81 10.24 2.91
C LEU A 311 20.64 11.21 3.01
N GLU A 312 19.81 11.23 1.97
CA GLU A 312 18.64 12.10 1.95
C GLU A 312 17.43 11.40 1.37
N GLU A 313 16.26 11.64 1.96
CA GLU A 313 15.02 11.06 1.43
C GLU A 313 14.92 11.47 -0.05
N MET A 314 14.62 10.51 -0.90
CA MET A 314 14.56 10.72 -2.33
C MET A 314 13.57 9.75 -2.96
N MET A 315 12.81 10.19 -3.95
CA MET A 315 11.90 9.29 -4.64
C MET A 315 12.70 8.45 -5.62
N LEU A 316 12.88 7.15 -5.38
CA LEU A 316 13.69 6.39 -6.35
C LEU A 316 13.11 5.00 -6.61
N VAL A 317 13.63 4.40 -7.67
CA VAL A 317 13.27 3.07 -8.13
C VAL A 317 14.20 2.06 -7.48
N VAL A 318 13.65 1.09 -6.74
CA VAL A 318 14.50 0.12 -6.06
C VAL A 318 14.37 -1.27 -6.69
N HIS A 319 15.52 -1.82 -7.05
CA HIS A 319 15.65 -3.17 -7.57
C HIS A 319 16.60 -3.95 -6.67
N MET A 320 16.08 -4.95 -5.96
CA MET A 320 16.94 -5.77 -5.09
C MET A 320 16.42 -7.19 -5.05
N PRO A 321 17.33 -8.16 -5.10
CA PRO A 321 16.97 -9.55 -5.15
C PRO A 321 16.56 -10.17 -3.83
N ARG A 322 15.72 -11.20 -3.92
CA ARG A 322 15.37 -12.02 -2.78
C ARG A 322 16.66 -12.80 -2.44
N PHE A 323 17.11 -12.80 -1.20
CA PHE A 323 18.31 -13.59 -0.88
C PHE A 323 18.14 -14.28 0.48
N ARG A 324 18.86 -15.38 0.63
CA ARG A 324 18.85 -16.15 1.87
C ARG A 324 20.27 -16.62 2.17
N ILE A 325 20.84 -16.10 3.25
CA ILE A 325 22.20 -16.46 3.64
C ILE A 325 22.20 -17.11 5.03
N GLU A 326 22.92 -18.21 5.13
CA GLU A 326 23.12 -18.96 6.35
C GLU A 326 24.61 -19.27 6.48
N ASP A 327 25.36 -18.46 7.21
CA ASP A 327 26.81 -18.65 7.35
C ASP A 327 27.15 -19.10 8.77
N GLY A 328 27.80 -20.25 8.90
CA GLY A 328 28.17 -20.81 10.19
C GLY A 328 29.67 -20.68 10.44
N PHE A 329 30.05 -20.32 11.66
CA PHE A 329 31.43 -20.08 12.01
C PHE A 329 31.98 -20.93 13.16
N SER A 330 33.26 -21.19 13.07
CA SER A 330 34.13 -21.71 14.12
C SER A 330 35.16 -20.57 14.33
N LEU A 331 34.99 -19.78 15.37
CA LEU A 331 35.76 -18.58 15.58
C LEU A 331 37.19 -18.66 16.02
N LYS A 332 37.65 -19.69 16.70
CA LYS A 332 39.00 -19.73 17.21
C LYS A 332 40.09 -19.40 16.20
N GLU A 333 40.15 -20.11 15.08
CA GLU A 333 41.18 -19.90 14.07
C GLU A 333 41.43 -18.43 13.77
N GLN A 334 40.41 -17.72 13.30
CA GLN A 334 40.51 -16.31 12.99
C GLN A 334 40.78 -15.42 14.18
N LEU A 335 40.12 -15.63 15.31
CA LEU A 335 40.37 -14.80 16.49
C LEU A 335 41.79 -14.94 17.00
N GLN A 336 42.35 -16.15 17.02
CA GLN A 336 43.74 -16.40 17.34
C GLN A 336 44.68 -15.60 16.46
N ASP A 337 44.48 -15.69 15.15
CA ASP A 337 45.21 -14.95 14.14
C ASP A 337 45.20 -13.44 14.33
N MET A 338 44.12 -12.86 14.84
CA MET A 338 43.99 -11.49 15.22
C MET A 338 44.60 -11.14 16.57
N GLY A 339 45.08 -12.09 17.37
CA GLY A 339 45.72 -11.82 18.62
C GLY A 339 45.07 -12.38 19.86
N LEU A 340 44.06 -13.23 19.71
CA LEU A 340 43.38 -13.82 20.87
C LEU A 340 43.88 -15.26 21.02
N VAL A 341 45.04 -15.41 21.63
CA VAL A 341 45.72 -16.69 21.75
C VAL A 341 45.55 -17.32 23.12
N ASP A 342 45.95 -16.65 24.18
CA ASP A 342 45.91 -17.12 25.56
C ASP A 342 44.62 -17.81 25.96
N LEU A 343 43.45 -17.22 25.71
CA LEU A 343 42.15 -17.79 25.99
C LEU A 343 41.95 -19.21 25.46
N PHE A 344 42.47 -19.57 24.32
CA PHE A 344 42.36 -20.89 23.73
C PHE A 344 43.54 -21.82 24.05
N SER A 345 44.44 -21.46 24.96
CA SER A 345 45.60 -22.27 25.28
C SER A 345 45.61 -22.81 26.70
N PRO A 346 45.78 -24.13 26.84
CA PRO A 346 45.83 -24.81 28.11
C PRO A 346 46.92 -24.34 29.05
N GLU A 347 48.11 -24.00 28.56
CA GLU A 347 49.17 -23.48 29.38
C GLU A 347 48.93 -21.99 29.70
N LYS A 348 48.70 -21.21 28.66
CA LYS A 348 48.56 -19.76 28.76
C LYS A 348 47.28 -19.21 29.32
N SER A 349 46.12 -19.79 29.06
CA SER A 349 44.87 -19.19 29.53
C SER A 349 44.89 -18.91 31.02
N LYS A 350 44.37 -17.73 31.34
CA LYS A 350 44.23 -17.25 32.71
C LYS A 350 42.75 -16.94 32.96
N LEU A 351 42.02 -17.93 33.43
CA LEU A 351 40.59 -17.89 33.67
C LEU A 351 40.25 -18.28 35.09
N PRO A 352 40.37 -17.36 36.05
CA PRO A 352 40.10 -17.63 37.46
C PRO A 352 38.66 -17.60 37.89
N GLY A 353 37.71 -17.36 36.99
CA GLY A 353 36.29 -17.43 37.23
C GLY A 353 35.77 -18.85 37.08
N ILE A 354 36.53 -19.72 36.45
CA ILE A 354 36.25 -21.13 36.27
C ILE A 354 37.24 -21.96 37.08
N VAL A 355 36.78 -22.99 37.76
CA VAL A 355 37.64 -23.80 38.65
C VAL A 355 37.28 -25.27 38.54
N ALA A 356 38.24 -26.17 38.73
CA ALA A 356 38.02 -27.61 38.69
C ALA A 356 39.03 -28.32 39.59
N GLU A 357 38.56 -29.23 40.42
CA GLU A 357 39.45 -29.88 41.39
C GLU A 357 40.64 -30.54 40.73
N GLY A 358 41.84 -30.00 40.99
CA GLY A 358 43.07 -30.53 40.48
C GLY A 358 43.41 -30.19 39.05
N ARG A 359 42.80 -29.16 38.46
CA ARG A 359 43.06 -28.79 37.08
C ARG A 359 43.54 -27.35 36.97
N ASP A 360 44.65 -27.15 36.27
CA ASP A 360 45.22 -25.82 36.08
C ASP A 360 45.25 -25.45 34.60
N ASP A 361 44.49 -26.19 33.79
CA ASP A 361 44.45 -25.94 32.36
C ASP A 361 43.03 -25.78 31.84
N LEU A 362 42.33 -24.79 32.40
CA LEU A 362 40.96 -24.49 31.91
C LEU A 362 41.06 -23.42 30.83
N TYR A 363 40.71 -23.82 29.62
CA TYR A 363 40.80 -23.03 28.41
C TYR A 363 39.54 -23.14 27.57
N VAL A 364 39.30 -22.22 26.64
CA VAL A 364 38.12 -22.34 25.76
C VAL A 364 38.49 -23.22 24.57
N SER A 365 37.74 -24.30 24.37
CA SER A 365 37.96 -25.26 23.30
C SER A 365 37.57 -24.73 21.93
N ASP A 366 36.55 -23.88 21.86
CA ASP A 366 36.13 -23.24 20.64
C ASP A 366 34.94 -22.31 20.90
N ALA A 367 34.73 -21.39 19.98
CA ALA A 367 33.60 -20.46 20.04
C ALA A 367 32.81 -20.59 18.74
N PHE A 368 31.55 -21.01 18.87
CA PHE A 368 30.70 -21.27 17.72
C PHE A 368 29.60 -20.24 17.54
N HIS A 369 29.55 -19.68 16.34
CA HIS A 369 28.57 -18.67 15.96
C HIS A 369 27.92 -19.04 14.62
N LYS A 370 26.62 -18.82 14.50
CA LYS A 370 25.91 -19.06 13.24
C LYS A 370 24.81 -18.01 13.06
N ALA A 371 24.72 -17.43 11.86
CA ALA A 371 23.73 -16.39 11.62
C ALA A 371 22.91 -16.69 10.37
N PHE A 372 21.64 -16.27 10.39
CA PHE A 372 20.72 -16.54 9.30
C PHE A 372 19.92 -15.31 8.90
N LEU A 373 19.76 -15.10 7.59
CA LEU A 373 18.96 -13.99 7.08
C LEU A 373 18.27 -14.39 5.78
N GLU A 374 16.94 -14.30 5.78
CA GLU A 374 16.14 -14.53 4.59
C GLU A 374 15.36 -13.24 4.30
N VAL A 375 15.65 -12.64 3.15
CA VAL A 375 15.02 -11.39 2.76
C VAL A 375 14.09 -11.60 1.56
N ASN A 376 12.83 -11.22 1.77
CA ASN A 376 11.82 -11.29 0.73
C ASN A 376 11.06 -9.97 0.69
N GLU A 377 9.89 -9.97 0.05
CA GLU A 377 9.06 -8.81 -0.18
C GLU A 377 8.39 -8.27 1.07
N GLU A 378 8.13 -9.12 2.06
CA GLU A 378 7.56 -8.80 3.34
C GLU A 378 8.57 -8.21 4.32
N GLY A 379 9.81 -8.70 4.22
CA GLY A 379 10.88 -8.23 5.09
C GLY A 379 11.88 -9.31 5.46
N SER A 380 12.28 -9.27 6.73
CA SER A 380 13.21 -10.24 7.27
C SER A 380 12.45 -11.31 8.05
N GLU A 381 12.43 -12.49 7.43
CA GLU A 381 11.86 -13.68 8.02
C GLU A 381 10.38 -13.59 8.32
N ALA A 382 9.65 -13.15 7.31
CA ALA A 382 8.19 -13.08 7.27
C ALA A 382 7.86 -13.47 5.83
N ALA A 383 7.12 -14.54 5.62
CA ALA A 383 6.86 -14.95 4.23
C ALA A 383 5.37 -14.80 3.95
N ALA A 384 4.96 -13.59 3.61
CA ALA A 384 3.55 -13.36 3.32
C ALA A 384 3.41 -12.76 1.92
N SER A 385 2.18 -12.70 1.44
CA SER A 385 1.91 -12.14 0.13
C SER A 385 1.12 -10.84 0.26
N THR A 386 1.82 -9.73 0.38
CA THR A 386 1.15 -8.43 0.46
C THR A 386 1.17 -7.78 -0.93
N ALA A 387 0.03 -7.83 -1.61
CA ALA A 387 -0.10 -7.15 -2.91
C ALA A 387 0.00 -5.66 -2.65
N VAL A 388 0.36 -4.82 -3.61
CA VAL A 388 0.44 -3.37 -3.32
C VAL A 388 -0.26 -2.63 -4.44
N VAL A 389 -1.14 -1.70 -4.09
CA VAL A 389 -1.85 -0.89 -5.08
C VAL A 389 -1.51 0.59 -4.86
N ILE A 390 -0.89 1.23 -5.85
CA ILE A 390 -0.53 2.65 -5.76
C ILE A 390 -1.33 3.46 -6.78
N ALA A 391 -2.42 4.10 -6.35
CA ALA A 391 -3.27 4.86 -7.27
C ALA A 391 -2.90 6.33 -7.40
N GLY A 392 -2.95 6.82 -8.64
CA GLY A 392 -2.70 8.19 -8.98
C GLY A 392 -1.32 8.72 -8.68
N ARG A 393 -0.28 7.94 -8.98
CA ARG A 393 1.09 8.37 -8.79
C ARG A 393 1.73 8.65 -10.14
N SER A 394 2.56 9.68 -10.20
CA SER A 394 3.28 10.05 -11.41
C SER A 394 4.62 10.66 -11.00
N LEU A 395 5.65 9.82 -10.97
CA LEU A 395 6.96 10.24 -10.49
C LEU A 395 7.80 10.95 -11.53
N ASN A 396 8.82 11.64 -11.01
CA ASN A 396 9.76 12.34 -11.90
C ASN A 396 10.25 11.33 -12.91
N PRO A 397 10.27 11.72 -14.19
CA PRO A 397 10.78 10.86 -15.25
C PRO A 397 12.27 10.62 -15.22
N ASN A 398 13.06 11.42 -14.54
CA ASN A 398 14.49 11.30 -14.40
C ASN A 398 14.91 10.86 -13.00
N ARG A 399 14.03 10.13 -12.30
CA ARG A 399 14.33 9.69 -10.94
C ARG A 399 15.46 8.67 -10.92
N VAL A 400 16.27 8.71 -9.87
CA VAL A 400 17.41 7.79 -9.72
C VAL A 400 16.95 6.35 -9.58
N THR A 401 17.71 5.41 -10.12
CA THR A 401 17.42 3.99 -10.00
C THR A 401 18.52 3.29 -9.17
N PHE A 402 18.12 2.29 -8.42
CA PHE A 402 19.01 1.44 -7.65
C PHE A 402 18.78 0.00 -8.09
N LYS A 403 19.68 -0.58 -8.86
CA LYS A 403 19.51 -1.97 -9.30
C LYS A 403 20.62 -2.82 -8.73
N ALA A 404 20.30 -3.70 -7.77
CA ALA A 404 21.33 -4.55 -7.18
C ALA A 404 21.43 -5.89 -7.91
N ASN A 405 22.06 -5.88 -9.08
CA ASN A 405 22.25 -7.06 -9.91
C ASN A 405 23.73 -7.43 -9.99
N ARG A 406 24.47 -7.05 -8.96
CA ARG A 406 25.88 -7.34 -8.79
C ARG A 406 26.20 -7.20 -7.30
N PRO A 407 27.17 -7.96 -6.80
CA PRO A 407 27.51 -8.02 -5.40
C PRO A 407 27.35 -6.72 -4.64
N PHE A 408 26.84 -6.80 -3.41
CA PHE A 408 26.63 -5.63 -2.56
C PHE A 408 26.79 -5.98 -1.08
N LEU A 409 27.13 -5.00 -0.25
CA LEU A 409 27.28 -5.20 1.19
C LEU A 409 25.95 -4.94 1.89
N VAL A 410 25.65 -5.72 2.92
CA VAL A 410 24.42 -5.59 3.70
C VAL A 410 24.73 -5.25 5.16
N PHE A 411 24.11 -4.20 5.70
CA PHE A 411 24.25 -3.87 7.10
C PHE A 411 22.87 -3.87 7.75
N ILE A 412 22.68 -4.61 8.84
CA ILE A 412 21.43 -4.52 9.61
C ILE A 412 21.76 -3.75 10.89
N ARG A 413 21.35 -2.49 11.02
CA ARG A 413 21.74 -1.70 12.17
C ARG A 413 20.61 -1.21 13.06
N GLU A 414 20.95 -0.93 14.31
CA GLU A 414 20.02 -0.34 15.27
C GLU A 414 20.33 1.15 15.37
N VAL A 415 19.42 1.95 14.83
CA VAL A 415 19.60 3.38 14.64
C VAL A 415 19.84 4.16 15.91
N PRO A 416 18.92 4.15 16.87
CA PRO A 416 19.07 4.83 18.13
C PRO A 416 20.38 4.55 18.83
N LEU A 417 20.80 3.29 18.95
CA LEU A 417 22.03 2.89 19.60
C LEU A 417 23.28 2.95 18.73
N ASN A 418 23.15 3.18 17.44
CA ASN A 418 24.29 3.29 16.52
C ASN A 418 25.13 2.02 16.56
N THR A 419 24.46 0.89 16.35
CA THR A 419 25.02 -0.43 16.52
C THR A 419 24.87 -1.31 15.29
N ILE A 420 25.96 -1.90 14.84
CA ILE A 420 25.91 -2.86 13.74
C ILE A 420 25.49 -4.22 14.29
N ILE A 421 24.22 -4.58 14.11
CA ILE A 421 23.72 -5.85 14.64
C ILE A 421 24.31 -7.00 13.82
N PHE A 422 23.98 -7.00 12.52
CA PHE A 422 24.45 -7.96 11.56
C PHE A 422 25.19 -7.25 10.43
N MET A 423 26.05 -7.98 9.73
CA MET A 423 26.70 -7.41 8.54
C MET A 423 27.08 -8.57 7.62
N GLY A 424 27.01 -8.34 6.31
CA GLY A 424 27.31 -9.40 5.37
C GLY A 424 27.51 -8.93 3.94
N ARG A 425 27.54 -9.91 3.05
CA ARG A 425 27.76 -9.66 1.64
C ARG A 425 26.97 -10.63 0.77
N VAL A 426 26.22 -10.03 -0.15
CA VAL A 426 25.43 -10.81 -1.11
C VAL A 426 26.19 -10.87 -2.43
N ALA A 427 26.95 -11.95 -2.60
CA ALA A 427 27.74 -12.13 -3.81
C ALA A 427 27.04 -13.05 -4.79
N ASN A 428 26.07 -13.83 -4.31
CA ASN A 428 25.33 -14.73 -5.20
C ASN A 428 24.01 -15.15 -4.56
N PRO A 429 22.94 -14.49 -4.99
CA PRO A 429 21.61 -14.73 -4.49
C PRO A 429 20.77 -15.68 -5.33
N CYS A 430 21.30 -16.12 -6.46
CA CYS A 430 20.62 -17.00 -7.38
C CYS A 430 20.27 -18.36 -6.81
N VAL A 431 19.19 -18.93 -7.33
CA VAL A 431 18.69 -20.23 -6.90
C VAL A 431 19.58 -21.37 -7.39
N VAL B 5 -51.33 6.30 -2.71
CA VAL B 5 -50.57 5.27 -3.39
C VAL B 5 -49.14 5.21 -2.89
N ASP B 6 -48.65 3.99 -2.66
CA ASP B 6 -47.23 3.78 -2.39
C ASP B 6 -46.69 2.95 -3.56
N ILE B 7 -45.88 3.59 -4.40
CA ILE B 7 -45.28 2.88 -5.54
C ILE B 7 -44.23 1.89 -5.10
N CYS B 8 -43.59 2.06 -3.95
CA CYS B 8 -42.64 1.09 -3.42
C CYS B 8 -43.30 -0.23 -3.04
N THR B 9 -44.48 -0.22 -2.45
CA THR B 9 -45.18 -1.43 -2.06
C THR B 9 -46.12 -1.98 -3.12
N ALA B 10 -46.65 -1.12 -3.98
CA ALA B 10 -47.63 -1.48 -4.98
C ALA B 10 -47.20 -2.55 -5.97
N LYS B 11 -48.20 -3.24 -6.52
CA LYS B 11 -47.99 -4.21 -7.60
C LYS B 11 -48.36 -3.48 -8.88
N PRO B 12 -47.92 -3.96 -10.02
CA PRO B 12 -48.24 -3.36 -11.31
C PRO B 12 -49.72 -3.04 -11.44
N ARG B 13 -50.55 -4.04 -11.32
CA ARG B 13 -51.98 -3.99 -11.18
C ARG B 13 -52.57 -2.62 -10.91
N ASP B 14 -52.52 -2.19 -9.67
CA ASP B 14 -53.06 -0.95 -9.16
C ASP B 14 -52.70 0.29 -9.98
N ILE B 15 -51.43 0.56 -10.19
CA ILE B 15 -51.01 1.72 -10.95
C ILE B 15 -51.63 1.73 -12.35
N PRO B 16 -52.38 2.78 -12.65
CA PRO B 16 -53.02 2.99 -13.93
C PRO B 16 -52.15 3.67 -14.97
N MET B 17 -50.99 4.14 -14.56
CA MET B 17 -50.04 4.86 -15.37
C MET B 17 -50.23 4.60 -16.86
N ASN B 18 -50.69 5.68 -17.49
CA ASN B 18 -51.00 5.69 -18.91
C ASN B 18 -50.36 6.89 -19.60
N PRO B 19 -49.12 6.72 -20.06
CA PRO B 19 -48.44 7.71 -20.87
C PRO B 19 -48.99 7.72 -22.29
N MET B 20 -49.02 8.86 -22.95
CA MET B 20 -49.59 9.01 -24.27
C MET B 20 -49.31 7.86 -25.23
N CYS B 21 -48.06 7.75 -25.67
CA CYS B 21 -47.67 6.73 -26.64
C CYS B 21 -46.90 5.58 -26.02
N ILE B 22 -47.01 4.39 -26.60
CA ILE B 22 -46.38 3.17 -26.14
C ILE B 22 -45.54 2.55 -27.26
N TYR B 23 -44.38 1.97 -26.94
CA TYR B 23 -43.54 1.29 -27.93
C TYR B 23 -43.37 -0.17 -27.55
N ARG B 24 -43.20 -1.05 -28.53
CA ARG B 24 -43.04 -2.46 -28.29
C ARG B 24 -41.66 -3.02 -28.61
N SER B 25 -40.82 -3.23 -27.60
CA SER B 25 -39.49 -3.79 -27.82
C SER B 25 -39.59 -5.24 -28.27
N PRO B 26 -38.98 -5.57 -29.40
CA PRO B 26 -39.02 -6.92 -29.96
C PRO B 26 -38.25 -7.95 -29.15
N GLU B 27 -38.29 -9.20 -29.60
CA GLU B 27 -37.61 -10.29 -28.92
C GLU B 27 -36.13 -10.31 -29.30
N GLU B 42 -39.21 -14.41 -9.02
CA GLU B 42 -40.09 -13.24 -8.96
C GLU B 42 -40.02 -12.43 -10.24
N ALA B 43 -41.14 -11.89 -10.68
CA ALA B 43 -41.22 -11.16 -11.94
C ALA B 43 -40.67 -9.74 -11.88
N THR B 44 -40.87 -9.03 -10.78
CA THR B 44 -40.38 -7.64 -10.68
C THR B 44 -38.92 -7.59 -10.29
N ASN B 45 -38.45 -8.53 -9.45
CA ASN B 45 -37.04 -8.63 -9.10
C ASN B 45 -36.18 -8.81 -10.35
N ARG B 46 -36.56 -9.74 -11.23
CA ARG B 46 -35.91 -9.97 -12.50
C ARG B 46 -35.89 -8.71 -13.36
N ARG B 47 -37.05 -8.04 -13.49
CA ARG B 47 -37.16 -6.81 -14.25
C ARG B 47 -36.37 -5.65 -13.66
N VAL B 48 -36.30 -5.51 -12.34
CA VAL B 48 -35.49 -4.47 -11.71
C VAL B 48 -34.00 -4.72 -11.97
N TRP B 49 -33.58 -5.97 -11.88
CA TRP B 49 -32.24 -6.43 -12.20
C TRP B 49 -31.89 -6.26 -13.67
N GLU B 50 -32.86 -6.43 -14.57
CA GLU B 50 -32.70 -6.19 -15.99
C GLU B 50 -32.57 -4.70 -16.31
N LEU B 51 -33.17 -3.83 -15.52
CA LEU B 51 -33.05 -2.39 -15.68
C LEU B 51 -31.65 -1.93 -15.26
N SER B 52 -31.15 -2.49 -14.15
CA SER B 52 -29.76 -2.22 -13.75
C SER B 52 -28.82 -2.57 -14.89
N LYS B 53 -28.93 -3.74 -15.50
CA LYS B 53 -28.14 -4.13 -16.66
C LYS B 53 -28.20 -3.11 -17.78
N ALA B 54 -29.40 -2.71 -18.18
CA ALA B 54 -29.64 -1.66 -19.14
C ALA B 54 -28.91 -0.37 -18.80
N ASN B 55 -29.13 0.11 -17.57
CA ASN B 55 -28.47 1.31 -17.06
C ASN B 55 -26.95 1.19 -17.19
N SER B 56 -26.36 0.08 -16.76
CA SER B 56 -24.93 -0.14 -16.92
C SER B 56 -24.50 -0.23 -18.36
N ARG B 57 -25.22 -0.88 -19.26
CA ARG B 57 -24.89 -0.88 -20.69
C ARG B 57 -24.79 0.55 -21.21
N PHE B 58 -25.82 1.38 -20.95
CA PHE B 58 -25.80 2.79 -21.25
C PHE B 58 -24.58 3.46 -20.62
N ALA B 59 -24.35 3.25 -19.32
CA ALA B 59 -23.21 3.80 -18.63
C ALA B 59 -21.89 3.60 -19.35
N THR B 60 -21.49 2.36 -19.64
CA THR B 60 -20.23 2.12 -20.32
C THR B 60 -20.19 2.73 -21.71
N THR B 61 -21.23 2.57 -22.53
CA THR B 61 -21.28 3.19 -23.85
C THR B 61 -21.22 4.71 -23.76
N PHE B 62 -21.95 5.35 -22.84
CA PHE B 62 -21.84 6.80 -22.68
C PHE B 62 -20.41 7.18 -22.29
N TYR B 63 -19.81 6.52 -21.30
CA TYR B 63 -18.43 6.79 -20.93
C TYR B 63 -17.50 6.83 -22.13
N GLN B 64 -17.47 5.78 -22.94
CA GLN B 64 -16.62 5.70 -24.11
C GLN B 64 -16.79 6.85 -25.08
N HIS B 65 -17.99 7.27 -25.42
CA HIS B 65 -18.25 8.42 -26.26
C HIS B 65 -17.74 9.72 -25.66
N LEU B 66 -17.92 9.89 -24.37
CA LEU B 66 -17.45 11.03 -23.61
C LEU B 66 -15.94 11.04 -23.49
N ALA B 67 -15.32 9.88 -23.31
CA ALA B 67 -13.87 9.73 -23.23
C ALA B 67 -13.17 9.98 -24.56
N ASP B 68 -13.79 9.64 -25.68
CA ASP B 68 -13.26 9.87 -27.00
C ASP B 68 -13.30 11.33 -27.42
N SER B 69 -14.18 12.13 -26.84
CA SER B 69 -14.26 13.56 -27.04
C SER B 69 -13.49 14.34 -25.98
N LYS B 70 -12.60 13.70 -25.23
CA LYS B 70 -11.77 14.30 -24.21
C LYS B 70 -10.32 13.88 -24.36
N ASN B 71 -9.42 14.63 -23.71
CA ASN B 71 -8.00 14.25 -23.70
C ASN B 71 -7.90 12.98 -22.85
N ASP B 72 -6.92 12.12 -23.10
CA ASP B 72 -6.76 10.89 -22.33
C ASP B 72 -6.28 11.14 -20.91
N ASN B 73 -5.56 12.23 -20.65
CA ASN B 73 -5.07 12.62 -19.35
C ASN B 73 -5.91 13.69 -18.66
N ASP B 74 -7.19 13.72 -18.98
CA ASP B 74 -8.18 14.61 -18.46
C ASP B 74 -9.06 13.95 -17.40
N ASN B 75 -9.52 14.71 -16.42
CA ASN B 75 -10.43 14.15 -15.41
C ASN B 75 -11.79 13.89 -16.08
N ILE B 76 -12.43 12.79 -15.75
CA ILE B 76 -13.79 12.48 -16.18
C ILE B 76 -14.56 12.07 -14.91
N PHE B 77 -15.74 12.58 -14.65
CA PHE B 77 -16.55 12.14 -13.52
C PHE B 77 -18.02 12.45 -13.78
N LEU B 78 -18.85 11.42 -13.58
CA LEU B 78 -20.27 11.56 -13.82
C LEU B 78 -21.10 10.55 -13.05
N SER B 79 -22.40 10.76 -13.09
CA SER B 79 -23.37 9.80 -12.61
C SER B 79 -24.23 9.39 -13.81
N PRO B 80 -23.99 8.17 -14.30
CA PRO B 80 -24.78 7.61 -15.37
C PRO B 80 -26.18 7.26 -14.93
N LEU B 81 -26.41 6.94 -13.65
CA LEU B 81 -27.72 6.67 -13.09
C LEU B 81 -28.59 7.92 -13.12
N SER B 82 -28.00 9.07 -12.84
CA SER B 82 -28.62 10.37 -12.93
C SER B 82 -29.07 10.73 -14.34
N ILE B 83 -28.23 10.45 -15.34
CA ILE B 83 -28.55 10.69 -16.74
C ILE B 83 -29.71 9.82 -17.20
N SER B 84 -29.68 8.52 -16.87
CA SER B 84 -30.76 7.61 -17.18
C SER B 84 -32.08 8.05 -16.56
N THR B 85 -32.07 8.43 -15.29
CA THR B 85 -33.24 8.91 -14.59
C THR B 85 -33.85 10.13 -15.26
N ALA B 86 -33.06 11.16 -15.56
CA ALA B 86 -33.56 12.37 -16.22
C ALA B 86 -34.12 12.13 -17.60
N PHE B 87 -33.51 11.26 -18.40
CA PHE B 87 -34.06 10.96 -19.73
C PHE B 87 -35.20 9.96 -19.67
N ALA B 88 -35.35 9.19 -18.59
CA ALA B 88 -36.53 8.37 -18.36
C ALA B 88 -37.72 9.27 -18.01
N MET B 89 -37.47 10.31 -17.23
CA MET B 89 -38.44 11.34 -16.90
C MET B 89 -38.96 12.03 -18.14
N THR B 90 -38.05 12.43 -19.02
CA THR B 90 -38.27 13.00 -20.32
C THR B 90 -39.09 12.13 -21.24
N LYS B 91 -38.89 10.81 -21.21
CA LYS B 91 -39.56 9.80 -21.97
C LYS B 91 -41.05 9.65 -21.70
N LEU B 92 -41.55 10.06 -20.55
CA LEU B 92 -42.96 10.08 -20.21
C LEU B 92 -43.80 10.87 -21.19
N GLY B 93 -43.33 12.03 -21.65
CA GLY B 93 -44.00 12.81 -22.66
C GLY B 93 -43.64 12.45 -24.09
N ALA B 94 -42.62 11.64 -24.32
CA ALA B 94 -42.17 11.27 -25.65
C ALA B 94 -43.14 10.42 -26.46
N CYS B 95 -42.94 10.42 -27.78
CA CYS B 95 -43.76 9.69 -28.71
C CYS B 95 -43.05 9.27 -30.00
N ASN B 96 -43.61 8.26 -30.66
CA ASN B 96 -43.17 7.71 -31.93
C ASN B 96 -41.69 7.40 -32.02
N ASP B 97 -40.96 8.01 -32.95
CA ASP B 97 -39.55 7.77 -33.19
C ASP B 97 -38.64 8.36 -32.11
N THR B 98 -39.10 9.42 -31.44
CA THR B 98 -38.41 10.03 -30.33
C THR B 98 -38.47 9.10 -29.11
N LEU B 99 -39.61 8.44 -28.90
CA LEU B 99 -39.78 7.45 -27.85
C LEU B 99 -39.03 6.16 -28.13
N GLN B 100 -38.96 5.69 -29.38
CA GLN B 100 -38.23 4.46 -29.70
C GLN B 100 -36.73 4.66 -29.50
N GLN B 101 -36.22 5.80 -29.96
CA GLN B 101 -34.83 6.17 -29.80
C GLN B 101 -34.41 6.26 -28.35
N LEU B 102 -35.20 6.92 -27.49
CA LEU B 102 -34.91 6.97 -26.06
C LEU B 102 -34.83 5.58 -25.44
N MET B 103 -35.72 4.68 -25.80
CA MET B 103 -35.66 3.28 -25.39
C MET B 103 -34.41 2.58 -25.90
N GLU B 104 -34.06 2.77 -27.16
CA GLU B 104 -32.90 2.13 -27.76
C GLU B 104 -31.57 2.66 -27.23
N VAL B 105 -31.44 3.97 -27.04
CA VAL B 105 -30.21 4.57 -26.55
C VAL B 105 -29.90 4.26 -25.10
N PHE B 106 -30.92 4.21 -24.25
CA PHE B 106 -30.75 3.95 -22.83
C PHE B 106 -30.93 2.49 -22.48
N LYS B 107 -31.00 1.62 -23.48
CA LYS B 107 -31.14 0.20 -23.46
C LYS B 107 -32.34 -0.26 -22.64
N PHE B 108 -33.48 0.41 -22.80
CA PHE B 108 -34.72 0.08 -22.11
C PHE B 108 -35.51 -0.95 -22.93
N ASP B 109 -35.11 -1.12 -24.18
CA ASP B 109 -35.62 -2.10 -25.13
C ASP B 109 -35.06 -3.49 -24.89
N THR B 110 -33.97 -3.59 -24.13
CA THR B 110 -33.38 -4.86 -23.73
C THR B 110 -34.19 -5.47 -22.58
N ILE B 111 -34.78 -4.65 -21.70
CA ILE B 111 -35.65 -5.23 -20.67
C ILE B 111 -36.79 -5.95 -21.40
N SER B 112 -37.01 -7.20 -21.07
CA SER B 112 -38.02 -8.02 -21.74
C SER B 112 -39.36 -7.32 -21.89
N GLU B 113 -40.03 -7.05 -20.77
CA GLU B 113 -41.35 -6.42 -20.80
C GLU B 113 -41.38 -5.31 -21.84
N LYS B 114 -42.21 -5.56 -22.85
CA LYS B 114 -42.26 -4.82 -24.08
C LYS B 114 -43.18 -3.63 -24.22
N THR B 115 -43.73 -3.01 -23.18
CA THR B 115 -44.48 -1.76 -23.44
C THR B 115 -43.66 -0.64 -22.80
N SER B 116 -43.65 0.54 -23.40
CA SER B 116 -42.91 1.70 -22.95
C SER B 116 -43.16 2.08 -21.50
N ASP B 117 -44.42 2.08 -21.07
CA ASP B 117 -44.87 2.43 -19.75
C ASP B 117 -44.47 1.46 -18.66
N GLN B 118 -44.15 0.20 -18.95
CA GLN B 118 -43.71 -0.77 -17.97
C GLN B 118 -42.35 -0.41 -17.38
N ILE B 119 -41.43 0.08 -18.18
CA ILE B 119 -40.11 0.51 -17.72
C ILE B 119 -40.16 1.50 -16.57
N HIS B 120 -40.99 2.53 -16.59
CA HIS B 120 -41.11 3.49 -15.51
C HIS B 120 -41.45 2.85 -14.18
N PHE B 121 -42.43 1.96 -14.14
CA PHE B 121 -42.76 1.20 -12.94
C PHE B 121 -41.50 0.60 -12.33
N PHE B 122 -40.75 -0.21 -13.08
CA PHE B 122 -39.51 -0.80 -12.63
C PHE B 122 -38.43 0.20 -12.30
N PHE B 123 -38.34 1.36 -12.93
CA PHE B 123 -37.42 2.41 -12.52
C PHE B 123 -37.77 2.93 -11.13
N ALA B 124 -39.05 3.14 -10.83
CA ALA B 124 -39.50 3.53 -9.50
C ALA B 124 -39.15 2.48 -8.45
N LYS B 125 -39.32 1.20 -8.76
CA LYS B 125 -38.94 0.10 -7.90
C LYS B 125 -37.45 0.15 -7.57
N LEU B 126 -36.61 0.25 -8.61
CA LEU B 126 -35.17 0.41 -8.45
C LEU B 126 -34.82 1.61 -7.59
N ASN B 127 -35.43 2.77 -7.80
CA ASN B 127 -35.21 3.93 -6.96
C ASN B 127 -35.66 3.69 -5.53
N CYS B 128 -36.76 2.97 -5.28
CA CYS B 128 -37.19 2.63 -3.94
C CYS B 128 -36.13 1.84 -3.18
N ARG B 129 -35.54 0.81 -3.80
CA ARG B 129 -34.49 0.04 -3.15
C ARG B 129 -33.22 0.86 -2.91
N LEU B 130 -32.81 1.72 -3.84
CA LEU B 130 -31.63 2.54 -3.70
C LEU B 130 -31.74 3.56 -2.57
N TYR B 131 -32.76 4.42 -2.68
CA TYR B 131 -32.91 5.55 -1.78
C TYR B 131 -33.88 5.38 -0.63
N ARG B 132 -34.77 4.40 -0.60
CA ARG B 132 -35.67 4.24 0.54
C ARG B 132 -35.03 3.28 1.54
N LYS B 133 -34.30 3.93 2.44
CA LYS B 133 -33.51 3.31 3.47
C LYS B 133 -32.63 4.39 4.11
N ALA B 134 -32.45 4.22 5.41
CA ALA B 134 -31.58 5.08 6.21
C ALA B 134 -30.56 4.13 6.85
N ASN B 135 -29.54 3.77 6.06
CA ASN B 135 -28.62 2.72 6.46
C ASN B 135 -27.24 3.17 6.94
N LYS B 136 -26.53 2.19 7.48
CA LYS B 136 -25.24 2.27 8.12
C LYS B 136 -24.21 3.11 7.38
N SER B 137 -23.99 4.33 7.86
CA SER B 137 -23.06 5.29 7.32
C SER B 137 -22.80 5.07 5.83
N SER B 138 -23.79 5.46 5.05
CA SER B 138 -23.88 5.34 3.63
C SER B 138 -25.19 6.04 3.22
N LYS B 139 -25.11 7.37 3.28
CA LYS B 139 -26.25 8.20 2.90
C LYS B 139 -26.33 8.22 1.37
N LEU B 140 -27.45 7.74 0.85
CA LEU B 140 -27.71 7.77 -0.57
C LEU B 140 -29.15 8.29 -0.81
N VAL B 141 -29.24 9.57 -1.15
CA VAL B 141 -30.49 10.25 -1.41
C VAL B 141 -30.58 10.71 -2.87
N SER B 142 -31.78 11.08 -3.31
CA SER B 142 -32.01 11.58 -4.66
C SER B 142 -33.29 12.40 -4.73
N ALA B 143 -33.28 13.42 -5.59
CA ALA B 143 -34.43 14.31 -5.71
C ALA B 143 -34.67 14.72 -7.15
N ASN B 144 -35.90 14.55 -7.61
CA ASN B 144 -36.30 14.87 -8.97
C ASN B 144 -37.28 16.05 -8.96
N ARG B 145 -37.26 16.88 -10.00
CA ARG B 145 -38.16 18.02 -10.10
C ARG B 145 -38.28 18.52 -11.53
N LEU B 146 -39.50 18.91 -11.91
CA LEU B 146 -39.79 19.52 -13.19
C LEU B 146 -40.03 21.02 -12.97
N PHE B 147 -39.45 21.86 -13.81
CA PHE B 147 -39.61 23.31 -13.69
C PHE B 147 -40.20 23.85 -14.99
N GLY B 148 -41.51 24.11 -15.04
CA GLY B 148 -42.13 24.53 -16.29
C GLY B 148 -42.56 25.98 -16.31
N ASP B 149 -42.69 26.56 -17.52
CA ASP B 149 -43.11 27.94 -17.61
C ASP B 149 -44.44 28.17 -16.88
N LYS B 150 -44.49 29.28 -16.17
CA LYS B 150 -45.59 29.73 -15.36
C LYS B 150 -46.87 30.03 -16.12
N SER B 151 -46.80 30.47 -17.37
CA SER B 151 -47.97 30.78 -18.16
C SER B 151 -48.57 29.58 -18.88
N LEU B 152 -47.89 28.45 -18.99
CA LEU B 152 -48.39 27.31 -19.74
C LEU B 152 -49.29 26.35 -18.98
N THR B 153 -50.09 25.58 -19.71
CA THR B 153 -51.00 24.59 -19.12
C THR B 153 -50.49 23.19 -19.41
N PHE B 154 -49.86 22.56 -18.43
CA PHE B 154 -49.26 21.24 -18.59
C PHE B 154 -50.25 20.10 -18.46
N ASN B 155 -50.02 19.02 -19.21
CA ASN B 155 -50.90 17.85 -19.16
C ASN B 155 -50.92 17.28 -17.74
N GLU B 156 -52.11 17.17 -17.18
CA GLU B 156 -52.38 16.67 -15.85
C GLU B 156 -51.87 15.26 -15.62
N THR B 157 -52.09 14.35 -16.57
CA THR B 157 -51.62 12.98 -16.49
C THR B 157 -50.10 12.90 -16.41
N TYR B 158 -49.41 13.60 -17.30
CA TYR B 158 -47.96 13.70 -17.30
C TYR B 158 -47.42 14.16 -15.95
N GLN B 159 -48.00 15.21 -15.38
CA GLN B 159 -47.64 15.72 -14.07
C GLN B 159 -47.81 14.70 -12.95
N ASP B 160 -48.94 14.02 -12.90
CA ASP B 160 -49.23 13.03 -11.87
C ASP B 160 -48.35 11.80 -11.95
N ILE B 161 -48.02 11.34 -13.16
CA ILE B 161 -47.14 10.18 -13.33
C ILE B 161 -45.68 10.53 -13.03
N SER B 162 -45.24 11.75 -13.27
CA SER B 162 -43.88 12.18 -12.96
C SER B 162 -43.63 12.31 -11.46
N GLU B 163 -44.65 12.75 -10.73
CA GLU B 163 -44.65 12.87 -9.29
C GLU B 163 -44.70 11.52 -8.60
N LEU B 164 -45.51 10.61 -9.14
CA LEU B 164 -45.69 9.28 -8.60
C LEU B 164 -44.49 8.37 -8.84
N VAL B 165 -44.05 8.32 -10.10
CA VAL B 165 -42.94 7.42 -10.44
C VAL B 165 -41.60 7.96 -9.99
N TYR B 166 -41.29 9.22 -10.29
CA TYR B 166 -40.00 9.81 -10.00
C TYR B 166 -39.95 10.79 -8.86
N GLY B 167 -41.07 11.09 -8.21
CA GLY B 167 -41.12 12.07 -7.13
C GLY B 167 -40.78 13.47 -7.63
N ALA B 168 -41.27 13.83 -8.81
CA ALA B 168 -40.98 15.11 -9.42
C ALA B 168 -42.19 16.02 -9.40
N LYS B 169 -42.16 17.00 -8.52
CA LYS B 169 -43.25 17.99 -8.47
C LYS B 169 -42.98 19.01 -9.57
N LEU B 170 -44.01 19.66 -10.08
CA LEU B 170 -43.82 20.66 -11.12
C LEU B 170 -43.80 22.06 -10.52
N GLN B 171 -42.61 22.64 -10.36
CA GLN B 171 -42.48 24.00 -9.85
C GLN B 171 -42.54 25.01 -10.99
N PRO B 172 -43.50 25.93 -10.88
CA PRO B 172 -43.71 27.00 -11.84
C PRO B 172 -42.64 28.07 -11.77
N LEU B 173 -42.09 28.43 -12.92
CA LEU B 173 -41.07 29.46 -13.03
C LEU B 173 -41.34 30.32 -14.28
N ASP B 174 -41.06 31.61 -14.17
CA ASP B 174 -41.29 32.54 -15.28
C ASP B 174 -40.13 32.52 -16.26
N PHE B 175 -40.15 31.65 -17.27
CA PHE B 175 -39.05 31.58 -18.22
C PHE B 175 -39.17 32.67 -19.27
N LYS B 176 -40.41 32.93 -19.66
CA LYS B 176 -40.82 33.91 -20.64
C LYS B 176 -40.26 35.30 -20.39
N GLU B 177 -40.51 35.84 -19.19
CA GLU B 177 -40.08 37.16 -18.81
C GLU B 177 -38.82 37.22 -17.98
N ASN B 178 -38.49 36.18 -17.21
CA ASN B 178 -37.33 36.27 -16.33
C ASN B 178 -36.45 35.04 -16.38
N ALA B 179 -35.96 34.71 -17.57
CA ALA B 179 -35.13 33.55 -17.81
C ALA B 179 -33.95 33.41 -16.86
N GLU B 180 -33.07 34.41 -16.75
CA GLU B 180 -31.92 34.28 -15.87
C GLU B 180 -32.30 34.01 -14.43
N GLN B 181 -33.26 34.73 -13.85
CA GLN B 181 -33.72 34.46 -12.49
C GLN B 181 -34.11 33.01 -12.26
N SER B 182 -34.89 32.41 -13.15
CA SER B 182 -35.33 31.04 -13.10
C SER B 182 -34.19 30.02 -13.14
N ARG B 183 -33.16 30.27 -13.94
CA ARG B 183 -31.97 29.44 -13.97
C ARG B 183 -31.24 29.43 -12.64
N ALA B 184 -31.10 30.59 -12.00
CA ALA B 184 -30.46 30.67 -10.68
C ALA B 184 -31.26 29.88 -9.65
N ALA B 185 -32.58 30.01 -9.65
CA ALA B 185 -33.47 29.23 -8.81
C ALA B 185 -33.30 27.74 -9.02
N ILE B 186 -33.23 27.27 -10.26
CA ILE B 186 -33.00 25.85 -10.54
C ILE B 186 -31.62 25.41 -10.02
N ASN B 187 -30.56 26.17 -10.27
CA ASN B 187 -29.23 25.83 -9.75
C ASN B 187 -29.19 25.89 -8.22
N LYS B 188 -29.92 26.82 -7.61
CA LYS B 188 -30.03 26.91 -6.17
C LYS B 188 -30.83 25.74 -5.59
N TRP B 189 -31.85 25.27 -6.32
CA TRP B 189 -32.57 24.07 -5.89
C TRP B 189 -31.64 22.85 -5.92
N VAL B 190 -30.89 22.70 -7.01
CA VAL B 190 -29.90 21.63 -7.16
C VAL B 190 -28.81 21.74 -6.10
N SER B 191 -28.31 22.94 -5.82
CA SER B 191 -27.36 23.19 -4.74
C SER B 191 -27.88 22.65 -3.40
N ASN B 192 -29.12 22.99 -3.06
CA ASN B 192 -29.82 22.52 -1.90
C ASN B 192 -29.90 21.02 -1.76
N LYS B 193 -30.17 20.27 -2.82
CA LYS B 193 -30.24 18.82 -2.75
C LYS B 193 -28.91 18.11 -2.83
N THR B 194 -27.81 18.78 -3.14
CA THR B 194 -26.50 18.15 -3.21
C THR B 194 -25.54 18.71 -2.17
N GLU B 195 -26.05 19.31 -1.10
CA GLU B 195 -25.27 19.85 -0.01
C GLU B 195 -24.25 20.89 -0.42
N GLY B 196 -24.55 21.75 -1.38
CA GLY B 196 -23.68 22.76 -1.90
C GLY B 196 -22.63 22.33 -2.90
N ARG B 197 -22.54 21.07 -3.27
CA ARG B 197 -21.52 20.54 -4.16
C ARG B 197 -21.82 20.80 -5.63
N ILE B 198 -23.07 20.60 -6.05
CA ILE B 198 -23.45 20.93 -7.43
C ILE B 198 -24.10 22.30 -7.42
N THR B 199 -23.38 23.29 -7.93
CA THR B 199 -23.74 24.69 -7.77
C THR B 199 -24.14 25.40 -9.04
N ASP B 200 -23.79 24.84 -10.19
CA ASP B 200 -24.06 25.47 -11.48
C ASP B 200 -24.41 24.48 -12.57
N VAL B 201 -25.43 23.63 -12.38
CA VAL B 201 -25.77 22.66 -13.41
C VAL B 201 -26.11 23.34 -14.75
N ILE B 202 -27.01 24.31 -14.72
CA ILE B 202 -27.37 24.99 -15.98
C ILE B 202 -26.45 26.19 -16.15
N PRO B 203 -25.63 26.15 -17.21
CA PRO B 203 -24.70 27.21 -17.54
C PRO B 203 -25.42 28.42 -18.11
N SER B 204 -24.88 29.62 -17.86
CA SER B 204 -25.49 30.85 -18.30
C SER B 204 -25.95 30.82 -19.75
N GLU B 205 -27.17 31.32 -19.94
CA GLU B 205 -27.83 31.51 -21.20
C GLU B 205 -28.49 30.29 -21.82
N ALA B 206 -28.52 29.15 -21.17
CA ALA B 206 -29.18 27.95 -21.69
C ALA B 206 -30.70 28.11 -21.67
N ILE B 207 -31.19 28.70 -20.59
CA ILE B 207 -32.60 29.03 -20.43
C ILE B 207 -32.88 30.39 -21.05
N ASN B 208 -33.80 30.44 -22.01
CA ASN B 208 -34.11 31.72 -22.67
C ASN B 208 -35.59 32.05 -22.59
N GLU B 209 -36.04 32.94 -23.47
CA GLU B 209 -37.42 33.39 -23.57
C GLU B 209 -38.39 32.30 -23.99
N LEU B 210 -37.98 31.38 -24.85
CA LEU B 210 -38.81 30.31 -25.34
C LEU B 210 -38.73 29.01 -24.53
N THR B 211 -38.10 28.98 -23.38
CA THR B 211 -37.98 27.74 -22.61
C THR B 211 -39.32 27.30 -22.03
N VAL B 212 -39.69 26.06 -22.32
CA VAL B 212 -40.94 25.47 -21.84
C VAL B 212 -40.77 24.75 -20.52
N LEU B 213 -39.88 23.77 -20.48
CA LEU B 213 -39.70 22.92 -19.30
C LEU B 213 -38.26 22.50 -19.07
N VAL B 214 -37.84 22.41 -17.81
CA VAL B 214 -36.52 21.94 -17.42
C VAL B 214 -36.64 20.71 -16.52
N LEU B 215 -36.19 19.54 -16.98
CA LEU B 215 -36.27 18.32 -16.17
C LEU B 215 -34.98 18.03 -15.42
N VAL B 216 -35.01 18.08 -14.09
CA VAL B 216 -33.83 17.89 -13.26
C VAL B 216 -33.86 16.64 -12.39
N ASN B 217 -32.72 15.95 -12.33
CA ASN B 217 -32.44 14.88 -11.38
C ASN B 217 -31.20 15.26 -10.57
N THR B 218 -31.16 14.89 -9.29
CA THR B 218 -30.01 15.06 -8.45
C THR B 218 -29.75 13.77 -7.65
N ILE B 219 -28.49 13.40 -7.48
CA ILE B 219 -28.09 12.29 -6.63
C ILE B 219 -26.94 12.76 -5.73
N TYR B 220 -27.03 12.47 -4.44
CA TYR B 220 -26.03 12.79 -3.45
C TYR B 220 -25.57 11.55 -2.69
N PHE B 221 -24.26 11.39 -2.53
CA PHE B 221 -23.71 10.26 -1.78
C PHE B 221 -22.67 10.73 -0.76
N LYS B 222 -22.69 10.15 0.43
CA LYS B 222 -21.67 10.39 1.44
C LYS B 222 -21.43 9.09 2.22
N GLY B 223 -20.21 8.58 2.16
CA GLY B 223 -19.91 7.32 2.80
C GLY B 223 -18.66 7.35 3.66
N LEU B 224 -18.70 6.58 4.74
CA LEU B 224 -17.56 6.35 5.60
C LEU B 224 -16.88 5.04 5.18
N TRP B 225 -15.56 5.06 5.01
CA TRP B 225 -14.85 3.84 4.64
C TRP B 225 -15.15 2.75 5.66
N LYS B 226 -15.20 1.49 5.22
CA LYS B 226 -15.39 0.37 6.16
C LYS B 226 -14.08 0.23 6.94
N SER B 227 -12.97 0.32 6.22
CA SER B 227 -11.64 0.42 6.82
C SER B 227 -11.09 1.81 6.52
N LYS B 228 -11.15 2.74 7.47
CA LYS B 228 -10.68 4.10 7.25
C LYS B 228 -9.16 4.18 7.10
N PHE B 229 -8.68 5.34 6.66
CA PHE B 229 -7.28 5.65 6.56
C PHE B 229 -6.89 6.56 7.75
N SER B 230 -5.70 6.44 8.27
CA SER B 230 -5.26 7.32 9.35
C SER B 230 -4.59 8.53 8.72
N PRO B 231 -4.89 9.73 9.23
CA PRO B 231 -4.26 10.96 8.74
C PRO B 231 -2.77 11.01 9.01
N GLU B 232 -2.31 10.43 10.11
CA GLU B 232 -0.93 10.24 10.49
C GLU B 232 -0.04 9.54 9.48
N ASN B 233 -0.56 8.66 8.64
CA ASN B 233 0.17 7.97 7.60
C ASN B 233 0.06 8.65 6.23
N THR B 234 -0.64 9.77 6.12
CA THR B 234 -0.77 10.48 4.84
C THR B 234 0.45 11.37 4.60
N ARG B 235 0.96 11.34 3.37
CA ARG B 235 2.18 12.02 2.98
C ARG B 235 2.10 12.81 1.67
N LYS B 236 2.83 13.93 1.59
CA LYS B 236 2.89 14.72 0.37
C LYS B 236 3.89 14.12 -0.63
N GLU B 237 3.58 14.22 -1.91
CA GLU B 237 4.42 13.66 -2.97
C GLU B 237 4.23 14.43 -4.28
N LEU B 238 5.30 14.66 -5.03
CA LEU B 238 5.19 15.39 -6.29
C LEU B 238 4.50 14.55 -7.36
N PHE B 239 3.58 15.19 -8.06
CA PHE B 239 2.85 14.57 -9.15
C PHE B 239 3.30 15.21 -10.47
N TYR B 240 3.79 14.39 -11.39
CA TYR B 240 4.31 14.92 -12.65
C TYR B 240 3.30 14.82 -13.78
N LYS B 241 2.74 15.99 -14.10
CA LYS B 241 1.79 16.10 -15.21
C LYS B 241 2.53 15.80 -16.50
N ALA B 242 1.84 15.49 -17.58
CA ALA B 242 2.41 15.14 -18.87
C ALA B 242 3.06 16.28 -19.63
N ASP B 243 2.85 17.52 -19.27
CA ASP B 243 3.46 18.69 -19.87
C ASP B 243 4.91 18.84 -19.40
N GLY B 244 5.19 18.51 -18.15
CA GLY B 244 6.53 18.60 -17.58
C GLY B 244 6.47 19.22 -16.19
N GLU B 245 5.40 19.96 -15.94
CA GLU B 245 5.14 20.63 -14.69
C GLU B 245 4.90 19.63 -13.56
N SER B 246 4.91 20.10 -12.32
CA SER B 246 4.64 19.23 -11.19
C SER B 246 3.68 19.91 -10.21
N CYS B 247 2.98 19.11 -9.42
CA CYS B 247 2.07 19.64 -8.40
C CYS B 247 2.09 18.73 -7.18
N SER B 248 1.60 19.26 -6.06
CA SER B 248 1.57 18.50 -4.82
C SER B 248 0.35 17.60 -4.74
N ALA B 249 0.54 16.41 -4.19
CA ALA B 249 -0.54 15.45 -4.00
C ALA B 249 -0.40 14.84 -2.61
N SER B 250 -1.53 14.62 -1.94
CA SER B 250 -1.47 14.02 -0.60
C SER B 250 -1.83 12.54 -0.70
N MET B 251 -0.81 11.69 -0.63
CA MET B 251 -1.03 10.25 -0.72
C MET B 251 -1.35 9.66 0.65
N MET B 252 -2.50 9.02 0.72
CA MET B 252 -2.88 8.30 1.92
C MET B 252 -2.32 6.88 1.84
N TYR B 253 -2.14 6.28 3.00
CA TYR B 253 -1.61 4.92 3.09
C TYR B 253 -2.42 4.10 4.07
N GLN B 254 -2.53 2.80 3.82
CA GLN B 254 -3.18 1.88 4.74
C GLN B 254 -2.94 0.43 4.29
N GLU B 255 -2.87 -0.47 5.26
CA GLU B 255 -2.69 -1.89 4.99
C GLU B 255 -3.89 -2.65 5.54
N GLY B 256 -4.41 -3.65 4.82
CA GLY B 256 -5.56 -4.39 5.32
C GLY B 256 -6.03 -5.49 4.38
N LYS B 257 -7.18 -6.10 4.68
CA LYS B 257 -7.74 -7.16 3.85
C LYS B 257 -8.82 -6.60 2.96
N PHE B 258 -8.58 -6.61 1.64
CA PHE B 258 -9.45 -6.05 0.64
C PHE B 258 -9.68 -7.04 -0.52
N ARG B 259 -10.84 -6.97 -1.15
CA ARG B 259 -11.08 -7.80 -2.34
C ARG B 259 -10.29 -7.18 -3.49
N TYR B 260 -9.39 -7.95 -4.08
CA TYR B 260 -8.48 -7.47 -5.12
C TYR B 260 -8.26 -8.56 -6.16
N ARG B 261 -7.79 -8.21 -7.33
CA ARG B 261 -7.50 -9.14 -8.41
C ARG B 261 -6.61 -8.44 -9.44
N ARG B 262 -5.48 -9.06 -9.74
CA ARG B 262 -4.61 -8.56 -10.81
C ARG B 262 -4.96 -9.38 -12.04
N VAL B 263 -5.69 -8.79 -12.98
CA VAL B 263 -6.12 -9.61 -14.14
C VAL B 263 -4.93 -9.87 -15.02
N ALA B 264 -4.98 -10.85 -15.92
CA ALA B 264 -3.91 -11.34 -16.74
C ALA B 264 -3.07 -10.40 -17.58
N GLU B 265 -3.44 -9.16 -17.83
CA GLU B 265 -2.68 -8.18 -18.56
C GLU B 265 -1.97 -7.19 -17.65
N GLY B 266 -2.02 -7.41 -16.35
CA GLY B 266 -1.38 -6.56 -15.37
C GLY B 266 -2.27 -5.48 -14.80
N THR B 267 -3.52 -5.43 -15.22
CA THR B 267 -4.48 -4.45 -14.76
C THR B 267 -4.95 -4.81 -13.35
N GLN B 268 -4.86 -3.89 -12.41
CA GLN B 268 -5.30 -4.18 -11.04
C GLN B 268 -6.69 -3.62 -10.78
N VAL B 269 -7.52 -4.44 -10.16
CA VAL B 269 -8.88 -4.11 -9.76
C VAL B 269 -8.97 -4.19 -8.22
N LEU B 270 -9.24 -3.09 -7.56
CA LEU B 270 -9.33 -3.07 -6.10
C LEU B 270 -10.69 -2.57 -5.63
N GLU B 271 -11.28 -3.24 -4.64
CA GLU B 271 -12.56 -2.79 -4.11
C GLU B 271 -12.42 -2.27 -2.68
N LEU B 272 -12.90 -1.06 -2.45
CA LEU B 272 -12.89 -0.44 -1.13
C LEU B 272 -14.34 -0.17 -0.72
N PRO B 273 -14.86 -0.97 0.21
CA PRO B 273 -16.24 -0.88 0.64
C PRO B 273 -16.53 0.18 1.69
N PHE B 274 -17.75 0.69 1.69
CA PHE B 274 -18.18 1.66 2.70
C PHE B 274 -18.91 0.94 3.82
N LYS B 275 -18.94 1.52 5.02
CA LYS B 275 -19.66 0.89 6.13
C LYS B 275 -21.05 0.50 5.66
N GLY B 276 -21.45 -0.74 5.94
CA GLY B 276 -22.75 -1.25 5.54
C GLY B 276 -22.64 -2.30 4.45
N ASP B 277 -21.57 -2.27 3.68
CA ASP B 277 -21.20 -3.14 2.60
C ASP B 277 -22.05 -3.16 1.35
N ASP B 278 -23.09 -2.37 1.23
CA ASP B 278 -24.01 -2.29 0.12
C ASP B 278 -23.51 -1.34 -0.97
N ILE B 279 -22.68 -0.37 -0.60
CA ILE B 279 -22.08 0.55 -1.56
C ILE B 279 -20.55 0.45 -1.48
N THR B 280 -19.88 0.20 -2.61
CA THR B 280 -18.44 0.12 -2.64
C THR B 280 -17.82 1.10 -3.67
N MET B 281 -16.50 1.28 -3.55
CA MET B 281 -15.72 2.00 -4.54
C MET B 281 -14.74 1.02 -5.21
N VAL B 282 -14.87 0.83 -6.51
CA VAL B 282 -13.99 -0.04 -7.27
C VAL B 282 -12.99 0.80 -8.08
N LEU B 283 -11.72 0.56 -7.86
CA LEU B 283 -10.65 1.25 -8.57
C LEU B 283 -10.04 0.34 -9.63
N ILE B 284 -9.80 0.85 -10.84
CA ILE B 284 -9.18 0.06 -11.90
C ILE B 284 -7.91 0.79 -12.38
N LEU B 285 -6.75 0.20 -12.10
CA LEU B 285 -5.47 0.77 -12.52
C LEU B 285 -4.83 -0.12 -13.59
N PRO B 286 -4.50 0.47 -14.75
CA PRO B 286 -3.87 -0.26 -15.83
C PRO B 286 -2.43 -0.59 -15.48
N LYS B 287 -1.83 -1.52 -16.21
CA LYS B 287 -0.41 -1.84 -15.97
C LYS B 287 0.39 -0.57 -16.14
N PRO B 288 1.32 -0.28 -15.22
CA PRO B 288 2.13 0.92 -15.22
C PRO B 288 2.59 1.46 -16.55
N GLU B 289 3.21 0.66 -17.40
CA GLU B 289 3.63 1.10 -18.73
C GLU B 289 2.40 1.33 -19.61
N LYS B 290 1.51 0.34 -19.66
CA LYS B 290 0.32 0.39 -20.47
C LYS B 290 -0.56 1.61 -20.24
N SER B 291 -1.39 1.90 -21.23
CA SER B 291 -2.32 3.02 -21.20
C SER B 291 -3.70 2.62 -20.69
N LEU B 292 -4.47 3.64 -20.30
CA LEU B 292 -5.84 3.42 -19.85
C LEU B 292 -6.79 3.27 -21.03
N ALA B 293 -6.47 3.84 -22.18
CA ALA B 293 -7.26 3.78 -23.37
C ALA B 293 -7.66 2.40 -23.84
N LYS B 294 -6.79 1.40 -23.85
CA LYS B 294 -7.17 0.04 -24.24
C LYS B 294 -8.16 -0.57 -23.27
N VAL B 295 -8.01 -0.33 -21.97
CA VAL B 295 -8.93 -0.80 -20.95
C VAL B 295 -10.31 -0.17 -21.13
N GLU B 296 -10.35 1.14 -21.35
CA GLU B 296 -11.56 1.91 -21.59
C GLU B 296 -12.26 1.51 -22.88
N LYS B 297 -11.51 1.26 -23.95
CA LYS B 297 -12.04 0.87 -25.24
C LYS B 297 -12.81 -0.43 -25.24
N GLU B 298 -12.40 -1.43 -24.47
CA GLU B 298 -13.09 -2.69 -24.36
C GLU B 298 -13.97 -2.82 -23.13
N LEU B 299 -14.22 -1.71 -22.45
CA LEU B 299 -15.03 -1.63 -21.26
C LEU B 299 -16.50 -1.85 -21.55
N THR B 300 -17.02 -3.00 -21.15
CA THR B 300 -18.42 -3.37 -21.24
C THR B 300 -18.87 -3.75 -19.84
N PRO B 301 -20.18 -3.87 -19.61
CA PRO B 301 -20.70 -4.36 -18.34
C PRO B 301 -20.31 -5.79 -18.03
N GLU B 302 -20.20 -6.64 -19.03
CA GLU B 302 -19.81 -8.03 -18.93
C GLU B 302 -18.36 -8.23 -18.51
N VAL B 303 -17.42 -7.41 -18.98
CA VAL B 303 -16.02 -7.47 -18.57
C VAL B 303 -15.86 -7.08 -17.11
N LEU B 304 -16.57 -6.03 -16.67
CA LEU B 304 -16.57 -5.58 -15.30
C LEU B 304 -17.17 -6.60 -14.34
N GLN B 305 -18.22 -7.32 -14.73
CA GLN B 305 -18.80 -8.36 -13.89
C GLN B 305 -17.81 -9.50 -13.69
N GLU B 306 -17.20 -9.95 -14.78
CA GLU B 306 -16.16 -10.96 -14.79
C GLU B 306 -15.07 -10.62 -13.78
N TRP B 307 -14.49 -9.43 -13.92
CA TRP B 307 -13.52 -8.88 -12.99
C TRP B 307 -13.98 -8.89 -11.55
N LEU B 308 -15.22 -8.51 -11.24
CA LEU B 308 -15.76 -8.55 -9.90
C LEU B 308 -15.94 -9.96 -9.35
N ASP B 309 -16.20 -10.93 -10.21
CA ASP B 309 -16.33 -12.34 -9.90
C ASP B 309 -15.00 -13.01 -9.56
N GLU B 310 -13.88 -12.47 -10.00
CA GLU B 310 -12.55 -12.97 -9.75
C GLU B 310 -11.86 -12.35 -8.55
N LEU B 311 -12.45 -11.33 -7.97
CA LEU B 311 -11.87 -10.67 -6.80
C LEU B 311 -11.85 -11.64 -5.63
N GLU B 312 -10.83 -11.52 -4.79
CA GLU B 312 -10.64 -12.34 -3.61
C GLU B 312 -10.05 -11.50 -2.47
N GLU B 313 -10.51 -11.73 -1.25
CA GLU B 313 -9.97 -11.00 -0.11
C GLU B 313 -8.47 -11.26 0.00
N MET B 314 -7.68 -10.21 0.13
CA MET B 314 -6.23 -10.35 0.19
C MET B 314 -5.61 -9.25 1.03
N MET B 315 -4.54 -9.57 1.76
CA MET B 315 -3.84 -8.55 2.54
C MET B 315 -3.04 -7.72 1.52
N LEU B 316 -3.20 -6.40 1.57
CA LEU B 316 -2.50 -5.57 0.59
C LEU B 316 -2.35 -4.15 1.12
N VAL B 317 -1.39 -3.45 0.54
CA VAL B 317 -1.11 -2.05 0.91
C VAL B 317 -1.77 -1.15 -0.14
N VAL B 318 -2.56 -0.20 0.32
CA VAL B 318 -3.26 0.72 -0.55
C VAL B 318 -2.67 2.14 -0.46
N HIS B 319 -2.23 2.65 -1.60
CA HIS B 319 -1.76 4.03 -1.70
C HIS B 319 -2.80 4.76 -2.55
N MET B 320 -3.43 5.78 -1.98
CA MET B 320 -4.52 6.47 -2.71
C MET B 320 -4.56 7.92 -2.28
N PRO B 321 -4.63 8.84 -3.24
CA PRO B 321 -4.63 10.26 -2.97
C PRO B 321 -5.88 10.78 -2.28
N ARG B 322 -5.67 11.81 -1.47
CA ARG B 322 -6.74 12.54 -0.79
C ARG B 322 -7.05 13.74 -1.70
N PHE B 323 -8.12 13.68 -2.48
CA PHE B 323 -8.37 14.65 -3.52
C PHE B 323 -9.82 15.04 -3.72
N ARG B 324 -10.06 15.91 -4.72
CA ARG B 324 -11.40 16.27 -5.15
C ARG B 324 -11.38 16.63 -6.64
N ILE B 325 -12.33 16.13 -7.42
CA ILE B 325 -12.45 16.47 -8.83
C ILE B 325 -13.90 16.87 -9.14
N GLU B 326 -14.05 17.81 -10.06
CA GLU B 326 -15.36 18.26 -10.52
C GLU B 326 -15.40 18.16 -12.05
N ASP B 327 -16.53 17.79 -12.62
CA ASP B 327 -16.68 17.71 -14.06
C ASP B 327 -18.05 18.27 -14.45
N GLY B 328 -18.10 18.98 -15.56
CA GLY B 328 -19.35 19.60 -16.02
C GLY B 328 -19.35 19.59 -17.54
N PHE B 329 -20.48 19.17 -18.14
CA PHE B 329 -20.54 19.04 -19.59
C PHE B 329 -21.96 18.94 -20.15
N SER B 330 -22.08 19.31 -21.43
CA SER B 330 -23.31 19.15 -22.18
C SER B 330 -23.33 17.73 -22.74
N LEU B 331 -24.47 17.05 -22.72
CA LEU B 331 -24.53 15.68 -23.21
C LEU B 331 -25.11 15.57 -24.62
N LYS B 332 -25.57 16.65 -25.22
CA LYS B 332 -26.20 16.62 -26.54
C LYS B 332 -25.39 15.89 -27.59
N GLU B 333 -24.16 16.32 -27.84
CA GLU B 333 -23.30 15.73 -28.85
C GLU B 333 -23.09 14.23 -28.68
N GLN B 334 -22.69 13.78 -27.51
CA GLN B 334 -22.43 12.38 -27.23
C GLN B 334 -23.65 11.49 -27.34
N LEU B 335 -24.81 11.99 -26.95
CA LEU B 335 -26.09 11.31 -27.07
C LEU B 335 -26.55 11.24 -28.52
N GLN B 336 -26.27 12.28 -29.32
CA GLN B 336 -26.61 12.30 -30.73
C GLN B 336 -25.84 11.24 -31.51
N ASP B 337 -24.55 11.09 -31.18
CA ASP B 337 -23.69 10.06 -31.74
C ASP B 337 -24.15 8.66 -31.42
N MET B 338 -24.75 8.41 -30.27
CA MET B 338 -25.30 7.14 -29.86
C MET B 338 -26.66 6.80 -30.46
N GLY B 339 -27.34 7.71 -31.14
CA GLY B 339 -28.58 7.43 -31.80
C GLY B 339 -29.78 8.25 -31.36
N LEU B 340 -29.59 9.18 -30.44
CA LEU B 340 -30.68 10.03 -29.95
C LEU B 340 -30.72 11.31 -30.76
N VAL B 341 -31.33 11.30 -31.94
CA VAL B 341 -31.33 12.48 -32.80
C VAL B 341 -32.64 13.24 -32.84
N ASP B 342 -33.77 12.55 -32.90
CA ASP B 342 -35.08 13.16 -32.99
C ASP B 342 -35.38 14.14 -31.88
N LEU B 343 -35.15 13.78 -30.63
CA LEU B 343 -35.39 14.59 -29.45
C LEU B 343 -34.77 15.97 -29.45
N PHE B 344 -33.62 16.18 -30.05
CA PHE B 344 -32.96 17.46 -30.17
C PHE B 344 -33.36 18.25 -31.41
N SER B 345 -34.10 17.64 -32.31
CA SER B 345 -34.52 18.29 -33.54
C SER B 345 -35.82 19.05 -33.37
N PRO B 346 -35.79 20.36 -33.63
CA PRO B 346 -36.97 21.19 -33.60
C PRO B 346 -38.09 20.66 -34.50
N GLU B 347 -37.77 20.27 -35.72
CA GLU B 347 -38.65 19.69 -36.69
C GLU B 347 -39.20 18.32 -36.30
N LYS B 348 -38.30 17.39 -36.00
CA LYS B 348 -38.64 15.99 -35.80
C LYS B 348 -38.97 15.55 -34.38
N SER B 349 -38.54 16.26 -33.35
CA SER B 349 -38.83 15.84 -31.98
C SER B 349 -40.33 15.74 -31.72
N LYS B 350 -40.75 14.58 -31.23
CA LYS B 350 -42.13 14.37 -30.84
C LYS B 350 -42.26 14.20 -29.34
N LEU B 351 -42.73 15.22 -28.64
CA LEU B 351 -43.00 15.20 -27.21
C LEU B 351 -44.39 15.81 -26.95
N PRO B 352 -45.46 15.08 -27.25
CA PRO B 352 -46.81 15.58 -27.15
C PRO B 352 -47.51 15.40 -25.83
N GLY B 353 -46.95 14.62 -24.92
CA GLY B 353 -47.57 14.33 -23.65
C GLY B 353 -47.32 15.31 -22.53
N ILE B 354 -46.51 16.34 -22.74
CA ILE B 354 -46.18 17.32 -21.72
C ILE B 354 -47.16 18.47 -21.61
N VAL B 355 -47.42 19.17 -22.71
CA VAL B 355 -48.34 20.32 -22.65
C VAL B 355 -49.74 19.91 -23.10
N ALA B 356 -50.75 20.51 -22.48
CA ALA B 356 -52.14 20.22 -22.83
C ALA B 356 -52.58 21.19 -23.94
N GLU B 357 -52.32 22.46 -23.70
CA GLU B 357 -52.61 23.54 -24.62
C GLU B 357 -51.69 24.72 -24.31
N GLY B 358 -51.05 25.29 -25.34
CA GLY B 358 -50.14 26.41 -25.14
C GLY B 358 -49.01 26.40 -26.16
N ARG B 359 -48.22 25.34 -26.17
CA ARG B 359 -47.11 25.14 -27.10
C ARG B 359 -47.29 23.80 -27.80
N ASP B 360 -46.65 23.57 -28.95
CA ASP B 360 -46.84 22.30 -29.64
C ASP B 360 -45.61 21.74 -30.35
N ASP B 361 -44.50 22.46 -30.43
CA ASP B 361 -43.30 21.94 -31.10
C ASP B 361 -42.13 21.88 -30.14
N LEU B 362 -42.19 20.96 -29.17
CA LEU B 362 -41.17 20.83 -28.15
C LEU B 362 -40.04 19.89 -28.55
N TYR B 363 -38.84 20.31 -28.20
CA TYR B 363 -37.60 19.59 -28.46
C TYR B 363 -36.59 19.92 -27.38
N VAL B 364 -35.62 19.06 -27.14
CA VAL B 364 -34.59 19.37 -26.14
C VAL B 364 -33.52 20.24 -26.81
N SER B 365 -33.20 21.38 -26.22
CA SER B 365 -32.20 22.26 -26.84
C SER B 365 -30.79 21.85 -26.42
N ASP B 366 -30.69 21.43 -25.16
CA ASP B 366 -29.45 20.99 -24.56
C ASP B 366 -29.74 20.28 -23.24
N ALA B 367 -28.85 19.38 -22.85
CA ALA B 367 -28.95 18.68 -21.58
C ALA B 367 -27.57 18.71 -20.91
N PHE B 368 -27.55 19.12 -19.64
CA PHE B 368 -26.31 19.29 -18.91
C PHE B 368 -26.12 18.28 -17.77
N HIS B 369 -24.87 18.08 -17.39
CA HIS B 369 -24.48 17.25 -16.26
C HIS B 369 -23.33 17.91 -15.50
N LYS B 370 -23.40 17.85 -14.19
CA LYS B 370 -22.35 18.37 -13.32
C LYS B 370 -22.12 17.33 -12.22
N ALA B 371 -20.89 16.90 -12.01
CA ALA B 371 -20.62 15.88 -11.00
C ALA B 371 -19.48 16.32 -10.09
N PHE B 372 -19.47 15.82 -8.87
CA PHE B 372 -18.46 16.15 -7.87
C PHE B 372 -17.96 14.87 -7.19
N LEU B 373 -16.67 14.75 -6.94
CA LEU B 373 -16.13 13.63 -6.18
C LEU B 373 -15.09 14.11 -5.17
N GLU B 374 -15.12 13.63 -3.94
CA GLU B 374 -14.11 13.99 -2.96
C GLU B 374 -13.75 12.78 -2.10
N VAL B 375 -12.48 12.40 -2.11
CA VAL B 375 -11.99 11.24 -1.36
C VAL B 375 -11.05 11.70 -0.26
N ASN B 376 -11.24 11.19 0.95
CA ASN B 376 -10.32 11.54 2.05
C ASN B 376 -10.15 10.35 2.98
N GLU B 377 -9.58 10.56 4.16
CA GLU B 377 -9.31 9.45 5.07
C GLU B 377 -10.54 8.83 5.69
N GLU B 378 -11.60 9.60 5.92
CA GLU B 378 -12.81 9.12 6.56
C GLU B 378 -13.77 8.45 5.60
N GLY B 379 -13.72 8.81 4.32
CA GLY B 379 -14.56 8.19 3.31
C GLY B 379 -14.55 8.90 1.97
N SER B 380 -15.68 8.84 1.29
CA SER B 380 -15.86 9.45 -0.03
C SER B 380 -17.20 10.16 -0.13
N GLU B 381 -17.26 11.27 -0.85
CA GLU B 381 -18.47 12.06 -1.03
C GLU B 381 -18.67 12.38 -2.50
N ALA B 382 -19.82 12.04 -3.06
CA ALA B 382 -20.09 12.31 -4.48
C ALA B 382 -21.45 12.96 -4.67
N ALA B 383 -21.58 13.80 -5.68
CA ALA B 383 -22.86 14.44 -5.99
C ALA B 383 -22.96 14.69 -7.50
N ALA B 384 -24.17 14.66 -8.04
CA ALA B 384 -24.36 14.86 -9.48
C ALA B 384 -25.75 15.41 -9.79
N SER B 385 -25.92 15.88 -11.02
CA SER B 385 -27.21 16.46 -11.42
C SER B 385 -27.34 16.51 -12.94
N THR B 386 -28.50 16.12 -13.46
CA THR B 386 -28.74 16.18 -14.90
C THR B 386 -29.93 17.09 -15.19
N ALA B 387 -29.73 18.02 -16.12
CA ALA B 387 -30.77 18.97 -16.46
C ALA B 387 -31.12 18.92 -17.94
N VAL B 388 -32.32 18.45 -18.27
CA VAL B 388 -32.77 18.44 -19.67
C VAL B 388 -33.61 19.69 -19.93
N VAL B 389 -33.16 20.55 -20.84
CA VAL B 389 -33.85 21.79 -21.16
C VAL B 389 -34.71 21.68 -22.41
N ILE B 390 -36.02 21.87 -22.27
CA ILE B 390 -36.92 21.87 -23.41
C ILE B 390 -37.01 23.29 -24.00
N ALA B 391 -36.59 23.45 -25.24
CA ALA B 391 -36.65 24.67 -26.01
C ALA B 391 -35.87 25.87 -25.53
N GLY B 392 -34.68 25.72 -24.97
CA GLY B 392 -33.86 26.90 -24.63
C GLY B 392 -32.97 27.20 -25.84
N ARG B 393 -31.73 27.61 -25.62
CA ARG B 393 -30.80 27.78 -26.75
C ARG B 393 -29.71 26.73 -26.66
N SER B 394 -29.21 26.25 -27.80
CA SER B 394 -28.12 25.27 -27.79
C SER B 394 -26.79 26.00 -27.70
N LEU B 395 -26.03 25.74 -26.65
CA LEU B 395 -24.74 26.41 -26.45
C LEU B 395 -23.58 25.59 -27.00
N ASN B 396 -22.43 26.23 -27.16
CA ASN B 396 -21.23 25.57 -27.66
C ASN B 396 -20.40 25.01 -26.51
N PRO B 397 -20.26 23.68 -26.49
CA PRO B 397 -19.55 22.97 -25.45
C PRO B 397 -18.27 23.63 -24.98
N ASN B 398 -18.33 24.17 -23.77
CA ASN B 398 -17.22 24.85 -23.11
C ASN B 398 -16.36 23.85 -22.34
N ARG B 399 -15.17 23.54 -22.84
CA ARG B 399 -14.32 22.56 -22.19
C ARG B 399 -13.19 23.17 -21.39
N VAL B 400 -13.11 22.84 -20.10
CA VAL B 400 -12.03 23.29 -19.22
C VAL B 400 -11.00 22.18 -19.05
N THR B 401 -10.27 21.89 -20.13
CA THR B 401 -9.28 20.83 -20.16
C THR B 401 -8.14 21.07 -19.19
N PHE B 402 -7.98 20.17 -18.23
CA PHE B 402 -6.93 20.23 -17.24
C PHE B 402 -6.13 18.93 -17.21
N LYS B 403 -5.30 18.73 -18.23
CA LYS B 403 -4.51 17.52 -18.40
C LYS B 403 -3.49 17.30 -17.29
N ALA B 404 -3.43 16.06 -16.81
CA ALA B 404 -2.45 15.64 -15.81
C ALA B 404 -1.78 14.37 -16.30
N ASN B 405 -1.76 13.27 -15.56
CA ASN B 405 -1.14 12.05 -16.07
C ASN B 405 -1.53 10.81 -15.28
N ARG B 406 -1.05 9.65 -15.74
CA ARG B 406 -1.32 8.37 -15.13
C ARG B 406 -2.69 8.29 -14.47
N PRO B 407 -3.75 8.18 -15.27
CA PRO B 407 -5.10 8.13 -14.78
C PRO B 407 -5.54 6.77 -14.28
N PHE B 408 -6.62 6.74 -13.51
CA PHE B 408 -7.20 5.48 -13.04
C PHE B 408 -8.72 5.60 -13.03
N LEU B 409 -9.43 4.48 -13.12
CA LEU B 409 -10.89 4.50 -13.14
C LEU B 409 -11.48 4.35 -11.74
N VAL B 410 -12.56 5.06 -11.48
CA VAL B 410 -13.32 5.01 -10.26
C VAL B 410 -14.77 4.64 -10.58
N PHE B 411 -15.35 3.77 -9.77
CA PHE B 411 -16.75 3.41 -9.86
C PHE B 411 -17.32 3.45 -8.44
N ILE B 412 -18.51 3.99 -8.26
CA ILE B 412 -19.19 3.91 -6.96
C ILE B 412 -20.47 3.09 -7.23
N ARG B 413 -20.56 1.89 -6.67
CA ARG B 413 -21.66 1.01 -7.01
C ARG B 413 -22.46 0.53 -5.81
N GLU B 414 -23.69 0.12 -6.12
CA GLU B 414 -24.60 -0.49 -5.17
C GLU B 414 -24.52 -2.00 -5.46
N VAL B 415 -24.00 -2.74 -4.51
CA VAL B 415 -23.71 -4.17 -4.64
C VAL B 415 -24.93 -5.03 -4.82
N PRO B 416 -25.91 -4.94 -3.92
CA PRO B 416 -27.14 -5.70 -4.02
C PRO B 416 -27.91 -5.41 -5.30
N LEU B 417 -28.04 -4.14 -5.67
CA LEU B 417 -28.79 -3.73 -6.86
C LEU B 417 -28.02 -3.74 -8.15
N ASN B 418 -26.71 -3.98 -8.15
CA ASN B 418 -25.92 -4.06 -9.38
C ASN B 418 -25.96 -2.78 -10.18
N THR B 419 -25.89 -1.59 -9.54
CA THR B 419 -25.99 -0.34 -10.28
C THR B 419 -24.72 0.50 -10.14
N ILE B 420 -24.35 1.13 -11.27
CA ILE B 420 -23.26 2.08 -11.30
C ILE B 420 -23.86 3.46 -10.97
N ILE B 421 -23.63 3.93 -9.75
CA ILE B 421 -24.18 5.21 -9.32
C ILE B 421 -23.36 6.35 -9.88
N PHE B 422 -22.03 6.26 -9.74
CA PHE B 422 -21.06 7.23 -10.19
C PHE B 422 -19.89 6.51 -10.88
N MET B 423 -19.19 7.18 -11.79
CA MET B 423 -18.01 6.61 -12.43
C MET B 423 -17.17 7.70 -13.08
N GLY B 424 -15.88 7.39 -13.33
CA GLY B 424 -15.02 8.35 -13.98
C GLY B 424 -13.55 8.01 -13.99
N ARG B 425 -12.78 8.98 -14.49
CA ARG B 425 -11.35 8.91 -14.62
C ARG B 425 -10.65 9.94 -13.74
N VAL B 426 -9.91 9.51 -12.72
CA VAL B 426 -9.17 10.45 -11.88
C VAL B 426 -7.77 10.63 -12.46
N ALA B 427 -7.50 11.78 -13.06
CA ALA B 427 -6.19 12.03 -13.65
C ALA B 427 -5.38 13.01 -12.83
N ASN B 428 -6.05 13.96 -12.17
CA ASN B 428 -5.34 14.95 -11.38
C ASN B 428 -5.73 14.90 -9.91
N PRO B 429 -4.76 14.48 -9.08
CA PRO B 429 -4.91 14.44 -7.65
C PRO B 429 -4.51 15.70 -6.91
N CYS B 430 -3.98 16.69 -7.61
CA CYS B 430 -3.55 17.95 -7.01
C CYS B 430 -4.70 18.91 -6.75
C1 NAG C . 47.83 -11.23 37.02
C2 NAG C . 49.23 -11.63 37.52
C3 NAG C . 49.29 -11.45 39.03
C4 NAG C . 48.96 -9.98 39.37
C5 NAG C . 47.68 -9.51 38.65
C6 NAG C . 47.52 -8.01 38.77
C7 NAG C . 48.88 -14.11 37.41
C8 NAG C . 49.39 -15.34 36.76
N2 NAG C . 49.60 -13.00 37.15
O3 NAG C . 50.60 -11.77 39.47
O4 NAG C . 48.76 -9.78 40.78
O5 NAG C . 47.75 -9.80 37.27
O6 NAG C . 46.21 -7.56 38.64
O7 NAG C . 47.96 -14.10 38.08
C1 NAG C . 49.83 -9.11 41.42
C2 NAG C . 49.22 -8.17 42.48
C3 NAG C . 50.35 -7.52 43.27
C4 NAG C . 51.22 -8.62 43.91
C5 NAG C . 51.65 -9.69 42.89
C6 NAG C . 52.24 -10.89 43.62
C7 NAG C . 48.45 -5.95 41.50
C8 NAG C . 47.24 -5.09 41.55
N2 NAG C . 48.28 -7.23 41.88
O3 NAG C . 49.76 -6.73 44.29
O4 NAG C . 52.41 -8.06 44.47
O5 NAG C . 50.54 -10.15 42.17
O6 NAG C . 51.50 -12.04 43.49
O7 NAG C . 49.47 -5.58 41.16
C1 NAG D . 35.15 -16.22 43.30
C2 NAG D . 35.57 -17.46 44.09
C3 NAG D . 35.74 -17.06 45.53
C4 NAG D . 36.88 -16.00 45.60
C5 NAG D . 36.61 -14.85 44.61
C6 NAG D . 37.85 -13.99 44.46
C7 NAG D . 34.91 -19.85 43.90
C8 NAG D . 33.85 -20.76 43.40
N2 NAG D . 34.58 -18.54 43.96
O3 NAG D . 36.11 -18.20 46.30
O4 NAG D . 37.01 -15.44 46.92
O5 NAG D . 36.32 -15.36 43.32
O6 NAG D . 37.60 -12.79 43.80
O7 NAG D . 35.94 -20.22 44.23
C1 NAG D . 38.11 -15.96 47.65
C2 NAG D . 38.76 -14.80 48.39
C3 NAG D . 39.92 -15.32 49.21
C4 NAG D . 39.40 -16.38 50.19
C5 NAG D . 38.45 -17.41 49.54
C6 NAG D . 37.60 -17.94 50.70
C7 NAG D . 38.79 -12.49 47.48
C8 NAG D . 39.55 -11.54 46.62
N2 NAG D . 39.23 -13.77 47.45
O3 NAG D . 40.47 -14.23 49.95
O4 NAG D . 40.50 -17.12 50.75
O5 NAG D . 37.55 -16.84 48.64
O6 NAG D . 36.25 -17.97 50.39
O7 NAG D . 37.89 -12.16 48.11
C1 NAG E . 11.79 -22.88 23.96
C2 NAG E . 11.40 -23.99 24.94
C3 NAG E . 10.16 -23.57 25.68
C4 NAG E . 10.50 -22.29 26.50
C5 NAG E . 11.05 -21.22 25.53
C6 NAG E . 11.52 -19.97 26.26
C7 NAG E . 11.41 -26.48 24.80
C8 NAG E . 11.10 -27.63 23.92
N2 NAG E . 11.18 -25.27 24.24
O3 NAG E . 9.74 -24.60 26.57
O4 NAG E . 9.32 -21.88 27.18
O5 NAG E . 12.16 -21.75 24.81
O6 NAG E . 10.87 -18.80 25.87
O7 NAG E . 11.81 -26.59 25.86
C1 NAG E . 9.26 -22.03 28.57
C2 NAG E . 8.06 -21.20 29.04
C3 NAG E . 7.78 -21.37 30.50
C4 NAG E . 7.65 -22.87 30.85
C5 NAG E . 8.85 -23.64 30.29
C6 NAG E . 8.70 -25.14 30.46
C7 NAG E . 9.28 -19.03 29.31
C8 NAG E . 9.23 -17.60 28.94
N2 NAG E . 8.29 -19.77 28.75
O3 NAG E . 6.55 -20.71 30.80
O4 NAG E . 7.56 -22.94 32.29
O5 NAG E . 8.94 -23.40 28.88
O6 NAG E . 9.81 -25.87 30.06
O7 NAG E . 10.08 -19.46 30.00
C1 BMA E . 6.27 -23.16 32.82
C2 BMA E . 6.18 -24.72 33.07
C3 BMA E . 4.82 -24.98 33.66
C4 BMA E . 4.72 -24.30 34.99
C5 BMA E . 4.96 -22.77 34.79
C6 BMA E . 5.01 -21.97 36.08
O2 BMA E . 7.23 -25.12 33.91
O3 BMA E . 4.61 -26.39 33.74
O4 BMA E . 3.47 -24.52 35.61
O5 BMA E . 6.19 -22.55 34.08
O6 BMA E . 5.14 -22.82 37.19
C1 NAG F . -47.30 8.07 -33.13
C2 NAG F . -47.88 7.84 -34.53
C3 NAG F . -49.36 8.12 -34.45
C4 NAG F . -50.03 7.20 -33.40
C5 NAG F . -49.23 7.25 -32.07
C6 NAG F . -49.72 6.15 -31.14
C7 NAG F . -47.27 10.07 -35.48
C8 NAG F . -46.56 10.73 -36.60
N2 NAG F . -47.25 8.72 -35.52
O3 NAG F . -49.92 7.85 -35.73
O4 NAG F . -51.35 7.66 -33.14
O5 NAG F . -47.85 7.00 -32.31
O6 NAG F . -48.97 5.99 -30.00
O7 NAG F . -47.77 10.67 -34.65
C1 NAG F . -52.40 6.97 -33.77
C2 NAG F . -53.70 7.40 -33.08
C3 NAG F . -54.90 6.81 -33.78
C4 NAG F . -54.87 7.25 -35.26
C5 NAG F . -53.51 6.86 -35.88
C6 NAG F . -53.38 7.37 -37.31
C7 NAG F . -53.68 5.84 -31.12
C8 NAG F . -53.74 5.81 -29.64
N2 NAG F . -53.70 7.08 -31.65
O3 NAG F . -56.08 7.26 -33.15
O4 NAG F . -55.90 6.62 -36.01
O5 NAG F . -52.49 7.48 -35.13
O6 NAG F . -52.17 7.08 -37.90
O7 NAG F . -53.62 4.90 -31.76
C1 NAG G . -52.78 14.13 -21.47
C2 NAG G . -53.94 14.29 -22.43
C3 NAG G . -54.76 13.01 -22.39
C4 NAG G . -53.90 11.76 -22.61
C5 NAG G . -52.56 11.83 -21.82
C6 NAG G . -51.62 10.75 -22.23
C7 NAG G . -54.74 16.65 -22.63
C8 NAG G . -55.58 17.68 -21.98
N2 NAG G . -54.84 15.41 -22.10
O3 NAG G . -55.74 13.10 -23.43
O4 NAG G . -54.55 10.56 -22.13
O5 NAG G . -51.95 13.09 -22.09
O6 NAG G . -50.38 10.83 -21.59
O7 NAG G . -54.04 16.88 -23.51
C1 NAG G . -55.20 9.78 -23.11
C2 NAG G . -55.47 8.40 -22.50
C3 NAG G . -56.30 7.57 -23.45
C4 NAG G . -57.60 8.32 -23.77
C5 NAG G . -57.33 9.77 -24.22
C6 NAG G . -58.62 10.59 -24.21
C7 NAG G . -53.32 7.23 -22.99
C8 NAG G . -52.42 6.16 -22.49
N2 NAG G . -54.23 7.72 -22.11
O3 NAG G . -56.59 6.32 -22.82
O4 NAG G . -58.32 7.66 -24.83
O5 NAG G . -56.50 10.40 -23.29
O6 NAG G . -58.55 11.72 -23.45
O7 NAG G . -53.29 7.57 -24.08
C1 NAG H . -32.16 23.01 1.66
C2 NAG H . -31.02 23.03 2.66
C3 NAG H . -31.56 22.14 3.79
C4 NAG H . -32.93 22.69 4.27
C5 NAG H . -33.85 23.21 3.15
C6 NAG H . -34.96 24.09 3.69
C7 NAG H . -28.63 23.14 1.94
C8 NAG H . -27.44 22.30 1.64
N2 NAG H . -29.77 22.45 2.16
O3 NAG H . -30.63 22.18 4.85
O4 NAG H . -33.67 21.62 4.91
O5 NAG H . -33.12 23.98 2.20
O6 NAG H . -36.21 23.76 3.21
O7 NAG H . -28.61 24.28 1.99
C1 NAG H . -33.69 21.69 6.33
C2 NAG H . -35.11 21.41 6.78
C3 NAG H . -35.20 21.26 8.26
C4 NAG H . -34.04 20.47 8.90
C5 NAG H . -32.69 20.54 8.16
C6 NAG H . -31.85 19.30 8.49
C7 NAG H . -36.59 23.47 6.88
C8 NAG H . -38.00 23.82 6.52
N2 NAG H . -36.06 22.41 6.26
O3 NAG H . -36.42 20.57 8.56
O4 NAG H . -33.85 21.08 10.20
O5 NAG H . -32.89 20.56 6.78
O6 NAG H . -30.56 19.39 8.02
O7 NAG H . -35.98 24.06 7.66
C1 BMA H . -34.11 20.30 11.31
C2 BMA H . -33.53 21.09 12.56
C3 BMA H . -33.72 19.98 13.63
C4 BMA H . -35.16 19.92 13.99
C5 BMA H . -35.81 19.36 12.65
C6 BMA H . -37.27 19.14 12.78
O2 BMA H . -34.24 22.24 12.82
O3 BMA H . -32.67 20.11 14.54
O4 BMA H . -35.52 19.02 15.00
O5 BMA H . -35.50 20.24 11.56
O6 BMA H . -37.98 19.63 11.67
C1 MAN H . -31.60 19.25 14.62
C2 MAN H . -30.86 19.02 13.25
C3 MAN H . -30.17 17.67 13.33
C4 MAN H . -29.75 17.44 14.76
C5 MAN H . -31.05 17.15 15.57
C6 MAN H . -30.94 17.41 17.06
O2 MAN H . -29.94 20.06 13.00
O3 MAN H . -29.08 17.63 12.42
O4 MAN H . -28.84 16.38 14.90
O5 MAN H . -32.10 17.97 15.05
O6 MAN H . -31.73 16.46 17.73
C1 MAN H . -39.06 18.80 11.29
C2 MAN H . -39.44 19.21 9.83
C3 MAN H . -40.75 19.97 9.88
C4 MAN H . -41.86 19.15 10.45
C5 MAN H . -41.40 18.56 11.82
C6 MAN H . -41.38 17.06 11.90
O2 MAN H . -39.56 18.05 9.02
O3 MAN H . -41.04 20.45 8.57
O4 MAN H . -43.02 19.90 10.75
O5 MAN H . -40.15 19.14 12.14
O6 MAN H . -42.33 16.66 12.85
C1 MAN I . 51.92 -5.32 46.22
C2 MAN I . 53.40 -5.26 45.74
C3 MAN I . 54.26 -5.82 46.87
C4 MAN I . 53.45 -5.98 48.13
C5 MAN I . 52.32 -7.02 47.84
C6 MAN I . 51.32 -7.18 48.95
O2 MAN I . 53.78 -3.93 45.44
O3 MAN I . 55.39 -4.97 47.05
O4 MAN I . 54.23 -6.39 49.23
O5 MAN I . 51.61 -6.62 46.66
O6 MAN I . 51.65 -8.34 49.67
C1 GOL J . 27.06 2.29 9.64
O1 GOL J . 26.24 1.17 9.25
C2 GOL J . 26.81 2.62 11.14
O2 GOL J . 26.77 1.45 11.94
C3 GOL J . 27.93 3.53 11.71
O3 GOL J . 29.07 2.76 12.07
C1 GOL K . -20.42 -2.03 -11.44
O1 GOL K . -19.00 -2.24 -11.64
C2 GOL K . -21.15 -3.40 -11.56
O2 GOL K . -22.56 -3.27 -11.67
C3 GOL K . -20.65 -4.21 -12.78
O3 GOL K . -20.72 -3.43 -13.96
P PO4 L . -39.21 17.27 -2.90
O1 PO4 L . -39.58 18.76 -2.91
O2 PO4 L . -39.47 16.62 -4.25
O3 PO4 L . -37.76 17.08 -2.49
O4 PO4 L . -40.14 16.57 -1.84
#